data_2CG1
#
_entry.id   2CG1
#
_cell.length_a   157.919
_cell.length_b   63.042
_cell.length_c   92.067
_cell.angle_alpha   90.00
_cell.angle_beta   112.19
_cell.angle_gamma   90.00
#
_symmetry.space_group_name_H-M   'C 1 2 1'
#
loop_
_entity.id
_entity.type
_entity.pdbx_description
1 polymer 'PHENYLETHYLAMINE OXIDASE'
2 non-polymer 'COPPER (II) ION'
3 non-polymer 'SODIUM ION'
4 non-polymer 'RUTHENIUM WIRE, 11 CARBON LINKER'
5 non-polymer 'SULFATE ION'
6 non-polymer GLYCEROL
7 water water
#
_entity_poly.entity_id   1
_entity_poly.type   'polypeptide(L)'
_entity_poly.pdbx_seq_one_letter_code
;PSTIQTASPFRLASAGEISEVQGILRTAGLLGPEKRIAYLGVLDPARGAGSEAEDRRFRVFIHDVSGARPQEVTVSVTNG
TVISAVELDTAATGELPVLEEEFEVVEQLLATDERWLKALAARNLDVSKVRVAPLSAGVFEYAEERGRRILRGLAFVQDF
PEDSAWAHPVDGLVAYVDVVSKEVTRVIDTGVFPVPAEHGNYTDPELTGPLRTTQKPISITQPEGPSFTVTGGNHIEWEK
WSLDVGFDVREGVVLHNIAFRDGDRLRPIINRASIAEMVVPYGDPSPIRSWQNYFDTGEYLVGQYANSLELGCDCLGDIT
YLSPVISDAFGNPREIRNGICMHEEDWGILAKHSDLWSGINYTRRNRRMVISFFTTIGN(TPQ)DYGFYWYLYLDGTIEF
EAKATGVVFTSAFPEGGSDNISQLAPGLGAPFHQHIFSARLDMAIDGFTNRVEEEDVVRQTMGPGNERGNAFSRKRTVLT
RESEAVREADARTGRTWIISNPESKNRLNEPVGYKLHAHNQPTLLADPGSSIARRAAFATKDLWVTRYADDERYPTGDFV
NQHSGGAGLPSYIAQDRDIDGQDIVVWHTFGLTHFPRVEDWPIMPVDTVGFKLRPEGFFDRSPVLDVPANPSQSGSHCHG
SNWSHPQFEK
;
_entity_poly.pdbx_strand_id   A
#
loop_
_chem_comp.id
_chem_comp.type
_chem_comp.name
_chem_comp.formula
11R non-polymer 'RUTHENIUM WIRE, 11 CARBON LINKER' 'C51 H75 N7 O Ru'
CU non-polymer 'COPPER (II) ION' 'Cu 2'
GOL non-polymer GLYCEROL 'C3 H8 O3'
NA non-polymer 'SODIUM ION' 'Na 1'
SO4 non-polymer 'SULFATE ION' 'O4 S -2'
#
# COMPACT_ATOMS: atom_id res chain seq x y z
N ALA A 7 16.84 3.92 -22.42
CA ALA A 7 15.85 4.02 -23.53
C ALA A 7 14.43 3.62 -23.09
N SER A 8 14.31 2.83 -22.03
CA SER A 8 13.01 2.29 -21.63
C SER A 8 12.04 3.38 -21.20
N PRO A 9 10.83 3.37 -21.77
CA PRO A 9 9.78 4.28 -21.33
C PRO A 9 9.32 4.02 -19.88
N PHE A 10 9.74 2.91 -19.29
CA PHE A 10 9.41 2.58 -17.90
C PHE A 10 10.51 2.89 -16.90
N ARG A 11 11.55 3.60 -17.34
CA ARG A 11 12.64 3.98 -16.45
C ARG A 11 12.13 4.91 -15.35
N LEU A 12 12.79 4.87 -14.21
CA LEU A 12 12.51 5.77 -13.10
C LEU A 12 12.66 7.23 -13.52
N ALA A 13 11.87 8.10 -12.89
CA ALA A 13 12.02 9.54 -13.09
C ALA A 13 13.40 9.97 -12.63
N SER A 14 14.06 10.80 -13.43
CA SER A 14 15.37 11.35 -13.07
C SER A 14 15.19 12.74 -12.47
N ALA A 15 16.21 13.19 -11.73
CA ALA A 15 16.22 14.52 -11.15
C ALA A 15 16.02 15.57 -12.23
N GLY A 16 16.67 15.36 -13.38
CA GLY A 16 16.51 16.24 -14.52
C GLY A 16 15.09 16.34 -15.05
N GLU A 17 14.38 15.21 -15.12
CA GLU A 17 12.98 15.24 -15.55
C GLU A 17 12.12 16.05 -14.60
N ILE A 18 12.33 15.90 -13.30
CA ILE A 18 11.54 16.62 -12.30
C ILE A 18 11.84 18.14 -12.39
N SER A 19 13.11 18.52 -12.43
CA SER A 19 13.46 19.92 -12.64
C SER A 19 12.89 20.46 -13.95
N GLU A 20 12.80 19.61 -14.97
CA GLU A 20 12.22 20.04 -16.25
C GLU A 20 10.71 20.26 -16.18
N VAL A 21 9.99 19.41 -15.45
CA VAL A 21 8.57 19.61 -15.20
C VAL A 21 8.38 20.95 -14.49
N GLN A 22 9.21 21.21 -13.48
CA GLN A 22 9.19 22.47 -12.76
C GLN A 22 9.34 23.65 -13.71
N GLY A 23 10.33 23.58 -14.61
CA GLY A 23 10.58 24.63 -15.57
C GLY A 23 9.45 24.84 -16.56
N ILE A 24 8.87 23.74 -17.03
CA ILE A 24 7.73 23.80 -17.94
C ILE A 24 6.52 24.44 -17.25
N LEU A 25 6.27 24.08 -16.00
CA LEU A 25 5.14 24.62 -15.25
C LEU A 25 5.35 26.11 -15.00
N ARG A 26 6.58 26.47 -14.65
CA ARG A 26 6.93 27.85 -14.40
C ARG A 26 6.72 28.67 -15.65
N THR A 27 7.26 28.19 -16.76
CA THR A 27 7.18 28.88 -18.04
C THR A 27 5.72 29.10 -18.45
N ALA A 28 4.87 28.14 -18.11
CA ALA A 28 3.45 28.16 -18.47
C ALA A 28 2.58 29.01 -17.52
N GLY A 29 3.18 29.56 -16.48
CA GLY A 29 2.44 30.38 -15.53
C GLY A 29 1.70 29.61 -14.46
N LEU A 30 2.03 28.33 -14.28
CA LEU A 30 1.31 27.44 -13.38
C LEU A 30 2.00 27.17 -12.04
N LEU A 31 3.19 27.75 -11.85
CA LEU A 31 3.99 27.45 -10.66
C LEU A 31 4.70 28.68 -10.10
N GLY A 32 3.89 29.70 -9.82
CA GLY A 32 4.34 30.89 -9.12
C GLY A 32 4.63 30.62 -7.66
N PRO A 33 5.03 31.65 -6.94
CA PRO A 33 5.48 31.52 -5.54
C PRO A 33 4.43 31.01 -4.55
N GLU A 34 3.15 31.14 -4.85
CA GLU A 34 2.09 30.64 -3.96
C GLU A 34 1.69 29.18 -4.25
N LYS A 35 2.32 28.57 -5.25
CA LYS A 35 1.96 27.21 -5.67
C LYS A 35 2.82 26.19 -4.97
N ARG A 36 2.24 25.01 -4.70
CA ARG A 36 2.96 23.91 -4.09
C ARG A 36 2.58 22.63 -4.81
N ILE A 37 3.55 21.75 -5.04
CA ILE A 37 3.26 20.45 -5.63
C ILE A 37 2.87 19.46 -4.52
N ALA A 38 1.61 19.01 -4.57
CA ALA A 38 1.07 18.00 -3.64
C ALA A 38 1.29 16.57 -4.11
N TYR A 39 1.40 16.40 -5.42
CA TYR A 39 1.67 15.12 -6.04
C TYR A 39 2.33 15.35 -7.40
N LEU A 40 3.34 14.55 -7.71
CA LEU A 40 3.98 14.53 -9.02
C LEU A 40 4.43 13.11 -9.29
N GLY A 41 4.05 12.59 -10.46
CA GLY A 41 4.50 11.29 -10.88
C GLY A 41 4.48 11.10 -12.37
N VAL A 42 5.32 10.20 -12.86
CA VAL A 42 5.35 9.86 -14.27
C VAL A 42 4.13 9.01 -14.61
N LEU A 43 3.60 9.23 -15.79
CA LEU A 43 2.49 8.42 -16.30
C LEU A 43 3.07 7.25 -17.06
N ASP A 44 2.38 6.12 -17.00
CA ASP A 44 2.79 4.97 -17.79
C ASP A 44 2.47 5.22 -19.27
N PRO A 45 3.21 4.61 -20.17
CA PRO A 45 2.91 4.69 -21.60
C PRO A 45 1.51 4.17 -21.91
N ALA A 46 0.84 4.78 -22.88
CA ALA A 46 -0.46 4.30 -23.35
C ALA A 46 -0.34 2.93 -23.98
N ARG A 47 -1.46 2.21 -24.02
CA ARG A 47 -1.51 0.92 -24.72
C ARG A 47 -1.15 1.13 -26.18
N GLY A 48 -0.28 0.25 -26.69
CA GLY A 48 0.16 0.32 -28.06
C GLY A 48 1.11 1.47 -28.38
N ALA A 49 1.78 1.98 -27.36
CA ALA A 49 2.69 3.12 -27.51
C ALA A 49 4.09 2.69 -27.95
N GLY A 50 4.40 1.40 -27.81
CA GLY A 50 5.69 0.86 -28.18
C GLY A 50 6.12 1.17 -29.61
N SER A 51 5.15 1.20 -30.53
CA SER A 51 5.42 1.51 -31.94
C SER A 51 5.90 2.94 -32.11
N GLU A 52 5.16 3.89 -31.51
CA GLU A 52 5.49 5.32 -31.61
C GLU A 52 6.70 5.66 -30.74
N ALA A 53 7.33 6.81 -31.03
CA ALA A 53 8.42 7.33 -30.22
C ALA A 53 7.90 7.67 -28.84
N GLU A 54 8.80 7.69 -27.85
CA GLU A 54 8.38 7.88 -26.47
C GLU A 54 7.95 9.32 -26.18
N ASP A 55 6.98 9.42 -25.28
CA ASP A 55 6.55 10.68 -24.72
C ASP A 55 6.47 10.48 -23.21
N ARG A 56 7.47 10.99 -22.50
CA ARG A 56 7.44 10.93 -21.04
C ARG A 56 6.52 12.02 -20.52
N ARG A 57 5.42 11.61 -19.91
CA ARG A 57 4.44 12.55 -19.38
C ARG A 57 4.39 12.44 -17.88
N PHE A 58 4.14 13.57 -17.23
CA PHE A 58 4.04 13.65 -15.78
C PHE A 58 2.70 14.26 -15.38
N ARG A 59 2.14 13.70 -14.32
CA ARG A 59 0.90 14.18 -13.74
C ARG A 59 1.21 14.93 -12.45
N VAL A 60 0.64 16.10 -12.29
CA VAL A 60 0.92 16.98 -11.16
C VAL A 60 -0.38 17.52 -10.55
N PHE A 61 -0.46 17.49 -9.22
CA PHE A 61 -1.52 18.15 -8.47
C PHE A 61 -0.88 19.39 -7.84
N ILE A 62 -1.39 20.58 -8.16
CA ILE A 62 -0.80 21.83 -7.66
C ILE A 62 -1.76 22.53 -6.70
N HIS A 63 -1.29 22.73 -5.48
CA HIS A 63 -2.00 23.44 -4.41
C HIS A 63 -1.59 24.92 -4.40
N ASP A 64 -2.48 25.76 -3.88
CA ASP A 64 -2.23 27.20 -3.82
C ASP A 64 -2.44 27.62 -2.37
N VAL A 65 -1.39 28.15 -1.75
CA VAL A 65 -1.42 28.53 -0.34
C VAL A 65 -2.22 29.81 -0.04
N SER A 66 -2.53 30.58 -1.08
CA SER A 66 -3.31 31.81 -0.91
C SER A 66 -4.83 31.56 -0.89
N GLY A 67 -5.24 30.32 -1.13
CA GLY A 67 -6.66 29.96 -1.09
C GLY A 67 -7.30 29.75 -2.45
N ALA A 68 -6.53 29.92 -3.53
CA ALA A 68 -7.06 29.72 -4.88
C ALA A 68 -7.29 28.24 -5.14
N ARG A 69 -8.08 27.93 -6.17
CA ARG A 69 -8.39 26.54 -6.48
C ARG A 69 -7.14 25.82 -6.98
N PRO A 70 -6.98 24.55 -6.58
CA PRO A 70 -5.84 23.76 -7.06
C PRO A 70 -6.07 23.31 -8.49
N GLN A 71 -5.03 22.78 -9.12
CA GLN A 71 -5.11 22.33 -10.50
C GLN A 71 -4.56 20.92 -10.64
N GLU A 72 -5.11 20.17 -11.60
CA GLU A 72 -4.50 18.94 -12.08
C GLU A 72 -3.90 19.22 -13.45
N VAL A 73 -2.61 18.91 -13.60
CA VAL A 73 -1.87 19.24 -14.79
C VAL A 73 -1.11 18.02 -15.31
N THR A 74 -1.13 17.85 -16.62
CA THR A 74 -0.32 16.84 -17.27
C THR A 74 0.69 17.55 -18.16
N VAL A 75 1.96 17.21 -17.99
CA VAL A 75 3.08 17.81 -18.73
C VAL A 75 3.79 16.75 -19.57
N SER A 76 4.15 17.10 -20.79
CA SER A 76 5.07 16.31 -21.59
C SER A 76 6.49 16.82 -21.38
N VAL A 77 7.31 16.10 -20.63
CA VAL A 77 8.68 16.58 -20.39
C VAL A 77 9.57 16.40 -21.62
N THR A 78 9.23 15.41 -22.45
CA THR A 78 9.92 15.21 -23.71
C THR A 78 9.79 16.42 -24.61
N ASN A 79 8.56 16.94 -24.72
CA ASN A 79 8.27 18.02 -25.66
C ASN A 79 8.27 19.43 -25.04
N GLY A 80 8.39 19.50 -23.72
CA GLY A 80 8.42 20.76 -23.01
C GLY A 80 7.09 21.50 -23.02
N THR A 81 5.99 20.75 -22.98
CA THR A 81 4.66 21.32 -23.09
C THR A 81 3.74 20.95 -21.93
N VAL A 82 2.75 21.80 -21.70
CA VAL A 82 1.59 21.44 -20.88
C VAL A 82 0.55 20.79 -21.81
N ILE A 83 0.26 19.52 -21.56
CA ILE A 83 -0.79 18.79 -22.29
C ILE A 83 -2.18 19.25 -21.85
N SER A 84 -2.39 19.37 -20.55
CA SER A 84 -3.69 19.79 -20.00
C SER A 84 -3.53 20.38 -18.61
N ALA A 85 -4.42 21.29 -18.25
CA ALA A 85 -4.45 21.88 -16.93
C ALA A 85 -5.88 22.27 -16.60
N VAL A 86 -6.38 21.77 -15.48
CA VAL A 86 -7.77 21.97 -15.11
C VAL A 86 -7.90 22.34 -13.65
N GLU A 87 -8.72 23.35 -13.37
CA GLU A 87 -8.97 23.78 -12.00
C GLU A 87 -9.91 22.78 -11.32
N LEU A 88 -9.58 22.43 -10.09
CA LEU A 88 -10.34 21.45 -9.35
C LEU A 88 -11.29 22.13 -8.37
N ASP A 89 -12.50 21.60 -8.30
CA ASP A 89 -13.46 21.98 -7.29
C ASP A 89 -13.40 20.92 -6.19
N THR A 90 -12.64 21.20 -5.14
CA THR A 90 -12.35 20.16 -4.13
C THR A 90 -13.56 19.72 -3.32
N ALA A 91 -14.55 20.58 -3.16
CA ALA A 91 -15.78 20.18 -2.46
C ALA A 91 -16.49 19.04 -3.21
N ALA A 92 -16.32 19.02 -4.53
CA ALA A 92 -16.88 17.97 -5.38
C ALA A 92 -15.96 16.76 -5.50
N THR A 93 -14.74 16.97 -6.02
CA THR A 93 -13.89 15.85 -6.41
C THR A 93 -12.88 15.40 -5.37
N GLY A 94 -12.72 16.18 -4.29
CA GLY A 94 -11.82 15.82 -3.19
C GLY A 94 -10.69 16.80 -3.01
N GLU A 95 -10.16 16.88 -1.78
CA GLU A 95 -8.97 17.67 -1.52
C GLU A 95 -7.71 16.94 -1.97
N LEU A 96 -6.66 17.72 -2.21
CA LEU A 96 -5.38 17.19 -2.59
C LEU A 96 -4.77 16.45 -1.39
N PRO A 97 -3.82 15.55 -1.63
CA PRO A 97 -3.11 14.89 -0.53
C PRO A 97 -2.51 15.87 0.48
N VAL A 98 -2.39 15.41 1.72
CA VAL A 98 -1.79 16.19 2.78
C VAL A 98 -0.36 16.54 2.37
N LEU A 99 0.01 17.78 2.60
CA LEU A 99 1.37 18.27 2.31
C LEU A 99 2.24 18.05 3.53
N GLU A 100 3.49 17.64 3.30
CA GLU A 100 4.44 17.49 4.40
C GLU A 100 4.54 18.75 5.23
N GLU A 101 4.49 19.91 4.58
CA GLU A 101 4.60 21.20 5.27
C GLU A 101 3.42 21.52 6.19
N GLU A 102 2.31 20.81 6.02
CA GLU A 102 1.13 21.01 6.87
C GLU A 102 1.19 20.24 8.18
N PHE A 103 2.10 19.27 8.29
CA PHE A 103 2.22 18.44 9.50
C PHE A 103 2.42 19.26 10.76
N GLU A 104 3.33 20.22 10.70
CA GLU A 104 3.67 21.05 11.86
C GLU A 104 2.58 22.05 12.20
N VAL A 105 1.75 22.38 11.22
CA VAL A 105 0.80 23.49 11.33
C VAL A 105 -0.26 23.26 12.41
N VAL A 106 -0.67 22.02 12.62
CA VAL A 106 -1.76 21.76 13.55
C VAL A 106 -1.32 22.15 14.97
N GLU A 107 -0.18 21.62 15.37
CA GLU A 107 0.39 21.93 16.68
C GLU A 107 0.65 23.43 16.86
N GLN A 108 1.22 24.05 15.83
CA GLN A 108 1.58 25.47 15.86
C GLN A 108 0.38 26.39 16.06
N LEU A 109 -0.71 26.11 15.37
CA LEU A 109 -1.90 26.95 15.49
C LEU A 109 -2.57 26.72 16.83
N LEU A 110 -2.59 25.47 17.27
CA LEU A 110 -3.24 25.12 18.53
C LEU A 110 -2.53 25.74 19.73
N ALA A 111 -1.21 25.95 19.61
CA ALA A 111 -0.40 26.43 20.73
C ALA A 111 -0.78 27.84 21.21
N THR A 112 -1.43 28.64 20.36
CA THR A 112 -1.91 29.97 20.77
C THR A 112 -3.44 30.09 20.80
N ASP A 113 -4.14 28.96 20.69
CA ASP A 113 -5.59 28.97 20.76
C ASP A 113 -6.09 28.85 22.20
N GLU A 114 -6.97 29.77 22.61
CA GLU A 114 -7.39 29.88 24.01
C GLU A 114 -8.12 28.63 24.49
N ARG A 115 -8.91 28.01 23.61
CA ARG A 115 -9.65 26.79 23.95
C ARG A 115 -8.71 25.64 24.18
N TRP A 116 -7.73 25.45 23.28
CA TRP A 116 -6.70 24.43 23.43
C TRP A 116 -5.92 24.62 24.70
N LEU A 117 -5.47 25.85 24.95
CA LEU A 117 -4.69 26.14 26.16
C LEU A 117 -5.49 25.85 27.43
N LYS A 118 -6.80 26.13 27.40
CA LYS A 118 -7.65 25.86 28.56
C LYS A 118 -7.72 24.37 28.82
N ALA A 119 -7.82 23.59 27.74
CA ALA A 119 -7.86 22.14 27.84
C ALA A 119 -6.58 21.57 28.41
N LEU A 120 -5.44 22.11 27.98
CA LEU A 120 -4.15 21.63 28.45
C LEU A 120 -3.97 22.03 29.91
N ALA A 121 -4.42 23.24 30.27
CA ALA A 121 -4.28 23.71 31.65
C ALA A 121 -5.13 22.89 32.62
N ALA A 122 -6.29 22.41 32.16
CA ALA A 122 -7.17 21.57 32.98
C ALA A 122 -6.49 20.25 33.35
N ARG A 123 -5.54 19.83 32.53
CA ARG A 123 -4.78 18.59 32.68
C ARG A 123 -3.34 18.80 33.17
N ASN A 124 -3.02 20.05 33.49
CA ASN A 124 -1.70 20.45 34.00
C ASN A 124 -0.57 20.04 33.08
N LEU A 125 -0.81 20.25 31.78
CA LEU A 125 0.16 19.94 30.73
C LEU A 125 0.78 21.22 30.17
N ASP A 126 2.11 21.20 30.12
CA ASP A 126 2.92 22.27 29.55
C ASP A 126 2.77 22.24 28.03
N VAL A 127 2.24 23.31 27.44
CA VAL A 127 2.00 23.36 26.00
C VAL A 127 3.28 23.08 25.19
N SER A 128 4.43 23.47 25.74
CA SER A 128 5.70 23.23 25.03
C SER A 128 6.02 21.74 24.90
N LYS A 129 5.40 20.91 25.74
CA LYS A 129 5.61 19.47 25.72
C LYS A 129 4.52 18.69 24.96
N VAL A 130 3.50 19.38 24.44
CA VAL A 130 2.38 18.69 23.82
C VAL A 130 2.53 18.61 22.30
N ARG A 131 2.77 17.40 21.81
CA ARG A 131 2.81 17.13 20.38
C ARG A 131 1.40 16.93 19.86
N VAL A 132 1.16 17.39 18.64
CA VAL A 132 -0.14 17.21 18.03
C VAL A 132 0.04 16.53 16.68
N ALA A 133 -0.55 15.36 16.54
CA ALA A 133 -0.52 14.61 15.29
C ALA A 133 -1.45 15.27 14.28
N PRO A 134 -0.97 15.45 13.06
CA PRO A 134 -1.73 16.04 11.95
C PRO A 134 -2.48 14.96 11.17
N LEU A 135 -3.74 14.78 11.55
CA LEU A 135 -4.49 13.60 11.16
C LEU A 135 -5.55 13.92 10.13
N SER A 136 -5.68 13.06 9.13
CA SER A 136 -6.66 13.28 8.08
C SER A 136 -8.06 13.32 8.70
N ALA A 137 -8.93 14.12 8.10
CA ALA A 137 -10.20 14.48 8.70
C ALA A 137 -11.37 13.61 8.28
N GLY A 138 -11.32 13.06 7.08
CA GLY A 138 -12.45 12.33 6.51
C GLY A 138 -13.63 13.25 6.25
N VAL A 139 -14.82 12.65 6.16
CA VAL A 139 -16.05 13.36 5.85
C VAL A 139 -17.13 12.91 6.84
N PHE A 140 -17.52 13.83 7.71
CA PHE A 140 -18.56 13.56 8.71
C PHE A 140 -19.66 14.64 8.66
N GLU A 141 -20.08 15.17 9.80
CA GLU A 141 -21.35 15.93 9.87
C GLU A 141 -21.11 17.44 9.86
N TYR A 142 -19.86 17.85 9.72
CA TYR A 142 -19.46 19.25 9.88
C TYR A 142 -19.50 19.97 8.54
N ALA A 143 -20.62 20.66 8.28
CA ALA A 143 -20.88 21.29 6.98
C ALA A 143 -19.83 22.33 6.56
N GLU A 144 -19.25 23.02 7.55
CA GLU A 144 -18.25 24.06 7.31
C GLU A 144 -16.94 23.53 6.69
N GLU A 145 -16.70 22.23 6.84
CA GLU A 145 -15.48 21.60 6.33
C GLU A 145 -15.52 21.31 4.83
N ARG A 146 -16.69 21.37 4.20
CA ARG A 146 -16.83 21.04 2.79
C ARG A 146 -16.18 22.12 1.90
N GLY A 147 -15.16 21.74 1.14
CA GLY A 147 -14.35 22.68 0.37
C GLY A 147 -13.15 23.30 1.09
N ARG A 148 -12.95 22.95 2.35
CA ARG A 148 -11.83 23.44 3.16
C ARG A 148 -10.84 22.32 3.43
N ARG A 149 -9.56 22.66 3.52
CA ARG A 149 -8.51 21.72 3.86
C ARG A 149 -8.39 21.67 5.37
N ILE A 150 -8.91 20.60 5.97
CA ILE A 150 -8.95 20.44 7.41
C ILE A 150 -8.01 19.32 7.81
N LEU A 151 -7.31 19.49 8.94
CA LEU A 151 -6.70 18.37 9.64
C LEU A 151 -7.22 18.36 11.06
N ARG A 152 -7.33 17.17 11.64
CA ARG A 152 -7.70 17.03 13.05
C ARG A 152 -6.45 16.72 13.85
N GLY A 153 -6.45 17.15 15.11
CA GLY A 153 -5.28 17.00 15.96
C GLY A 153 -5.60 16.21 17.20
N LEU A 154 -4.80 15.19 17.47
CA LEU A 154 -4.84 14.47 18.74
C LEU A 154 -3.50 14.70 19.42
N ALA A 155 -3.54 14.89 20.73
CA ALA A 155 -2.36 15.29 21.50
C ALA A 155 -1.70 14.15 22.25
N PHE A 156 -0.37 14.25 22.35
CA PHE A 156 0.51 13.27 22.99
C PHE A 156 1.60 14.06 23.68
N VAL A 157 1.88 13.75 24.94
CA VAL A 157 2.87 14.48 25.72
C VAL A 157 4.26 13.88 25.53
N GLN A 158 5.24 14.75 25.29
CA GLN A 158 6.64 14.35 25.15
C GLN A 158 7.39 14.96 26.35
N ASP A 159 7.84 14.13 27.28
CA ASP A 159 8.43 14.61 28.55
C ASP A 159 9.77 15.29 28.34
N PHE A 160 10.47 14.88 27.29
CA PHE A 160 11.77 15.43 26.92
C PHE A 160 12.01 15.11 25.44
N PRO A 161 13.01 15.74 24.81
CA PRO A 161 13.20 15.63 23.36
C PRO A 161 13.23 14.21 22.78
N GLU A 162 13.81 13.25 23.49
CA GLU A 162 13.94 11.89 22.97
C GLU A 162 12.87 10.92 23.51
N ASP A 163 11.85 11.47 24.16
CA ASP A 163 10.74 10.69 24.71
C ASP A 163 9.75 10.25 23.62
N SER A 164 9.18 9.05 23.79
CA SER A 164 8.18 8.54 22.87
C SER A 164 6.83 9.06 23.33
N ALA A 165 6.29 10.01 22.57
CA ALA A 165 5.08 10.71 22.98
C ALA A 165 3.87 9.77 22.99
N TRP A 166 3.95 8.71 22.21
CA TRP A 166 2.87 7.72 22.09
C TRP A 166 2.50 7.06 23.42
N ALA A 167 3.44 7.05 24.36
CA ALA A 167 3.19 6.54 25.71
C ALA A 167 2.23 7.40 26.52
N HIS A 168 2.00 8.65 26.08
CA HIS A 168 1.30 9.65 26.87
C HIS A 168 0.18 10.32 26.07
N PRO A 169 -0.80 9.55 25.60
CA PRO A 169 -1.94 10.14 24.88
C PRO A 169 -2.79 11.01 25.80
N VAL A 170 -3.32 12.10 25.26
CA VAL A 170 -4.18 13.02 25.98
C VAL A 170 -5.60 12.78 25.48
N ASP A 171 -6.33 11.90 26.18
CA ASP A 171 -7.64 11.47 25.72
C ASP A 171 -8.68 12.51 26.14
N GLY A 172 -9.84 12.47 25.50
CA GLY A 172 -10.92 13.37 25.80
C GLY A 172 -10.80 14.71 25.10
N LEU A 173 -9.83 14.83 24.19
CA LEU A 173 -9.54 16.11 23.57
C LEU A 173 -9.21 15.90 22.10
N VAL A 174 -9.85 16.68 21.25
CA VAL A 174 -9.54 16.69 19.83
C VAL A 174 -9.80 18.08 19.29
N ALA A 175 -9.01 18.50 18.31
CA ALA A 175 -9.19 19.80 17.66
C ALA A 175 -9.21 19.65 16.14
N TYR A 176 -9.89 20.58 15.48
CA TYR A 176 -10.00 20.61 14.03
C TYR A 176 -9.41 21.94 13.56
N VAL A 177 -8.62 21.92 12.48
CA VAL A 177 -7.88 23.10 12.04
C VAL A 177 -7.93 23.25 10.51
N ASP A 178 -8.18 24.47 10.05
CA ASP A 178 -8.13 24.82 8.64
C ASP A 178 -6.69 25.22 8.34
N VAL A 179 -5.95 24.36 7.63
CA VAL A 179 -4.52 24.59 7.41
C VAL A 179 -4.18 25.61 6.31
N VAL A 180 -5.18 26.11 5.59
CA VAL A 180 -4.96 27.14 4.56
C VAL A 180 -5.23 28.52 5.13
N SER A 181 -6.40 28.71 5.72
CA SER A 181 -6.74 29.97 6.36
C SER A 181 -6.02 30.11 7.71
N LYS A 182 -5.47 29.00 8.19
CA LYS A 182 -4.74 28.95 9.46
C LYS A 182 -5.63 29.39 10.62
N GLU A 183 -6.75 28.68 10.76
CA GLU A 183 -7.72 28.89 11.83
C GLU A 183 -8.07 27.58 12.52
N VAL A 184 -8.29 27.64 13.83
CA VAL A 184 -8.81 26.51 14.58
C VAL A 184 -10.34 26.56 14.54
N THR A 185 -10.97 25.60 13.85
CA THR A 185 -12.43 25.60 13.68
C THR A 185 -13.18 25.07 14.90
N ARG A 186 -12.65 24.05 15.56
CA ARG A 186 -13.32 23.46 16.73
C ARG A 186 -12.32 22.89 17.71
N VAL A 187 -12.61 23.03 19.00
CA VAL A 187 -11.87 22.30 20.04
C VAL A 187 -12.89 21.59 20.90
N ILE A 188 -12.80 20.26 20.94
CA ILE A 188 -13.74 19.42 21.67
C ILE A 188 -13.04 18.81 22.86
N ASP A 189 -13.57 19.08 24.04
CA ASP A 189 -13.08 18.51 25.28
C ASP A 189 -14.24 17.79 25.96
N THR A 190 -14.23 16.45 25.90
CA THR A 190 -15.30 15.63 26.51
C THR A 190 -15.04 15.28 27.98
N GLY A 191 -13.89 15.68 28.49
CA GLY A 191 -13.52 15.46 29.88
C GLY A 191 -12.11 14.95 30.00
N VAL A 192 -11.52 15.15 31.17
CA VAL A 192 -10.16 14.74 31.42
C VAL A 192 -10.10 13.22 31.61
N PHE A 193 -9.06 12.62 31.06
CA PHE A 193 -8.63 11.27 31.36
C PHE A 193 -7.22 11.38 31.89
N PRO A 194 -6.82 10.49 32.79
CA PRO A 194 -5.41 10.45 33.19
C PRO A 194 -4.52 10.25 31.98
N VAL A 195 -3.46 11.03 31.89
CA VAL A 195 -2.48 10.83 30.84
C VAL A 195 -1.53 9.76 31.37
N PRO A 196 -1.44 8.62 30.68
CA PRO A 196 -0.59 7.52 31.16
C PRO A 196 0.84 7.95 31.40
N ALA A 197 1.42 7.52 32.50
CA ALA A 197 2.68 8.07 32.98
C ALA A 197 3.91 7.24 32.63
N GLU A 198 3.75 5.92 32.44
CA GLU A 198 4.92 5.07 32.15
C GLU A 198 5.51 5.48 30.82
N HIS A 199 6.84 5.54 30.73
CA HIS A 199 7.48 5.82 29.44
C HIS A 199 7.48 4.58 28.56
N GLY A 200 7.64 4.81 27.27
CA GLY A 200 7.69 3.76 26.27
C GLY A 200 8.97 3.85 25.46
N ASN A 201 10.07 4.14 26.14
CA ASN A 201 11.35 4.38 25.49
C ASN A 201 12.16 3.09 25.35
N TYR A 202 12.02 2.49 24.18
CA TYR A 202 12.56 1.17 23.87
C TYR A 202 14.08 1.17 23.65
N THR A 203 14.74 2.33 23.72
CA THR A 203 16.22 2.38 23.80
C THR A 203 16.75 2.72 25.19
N ASP A 204 15.86 2.95 26.15
CA ASP A 204 16.27 3.22 27.53
C ASP A 204 16.66 1.91 28.25
N PRO A 205 17.90 1.80 28.73
CA PRO A 205 18.35 0.58 29.43
C PRO A 205 17.50 0.16 30.62
N GLU A 206 16.85 1.10 31.28
CA GLU A 206 15.96 0.80 32.40
C GLU A 206 14.82 -0.12 31.98
N LEU A 207 14.34 0.06 30.74
CA LEU A 207 13.23 -0.70 30.21
C LEU A 207 13.69 -1.96 29.44
N THR A 208 14.77 -1.85 28.68
CA THR A 208 15.27 -2.99 27.91
C THR A 208 15.95 -3.99 28.83
N GLY A 209 16.54 -3.48 29.91
CA GLY A 209 17.52 -4.23 30.69
C GLY A 209 18.80 -4.42 29.91
N PRO A 210 19.71 -5.23 30.44
CA PRO A 210 20.96 -5.54 29.76
C PRO A 210 20.68 -6.15 28.40
N LEU A 211 21.31 -5.63 27.35
CA LEU A 211 21.10 -6.18 26.02
C LEU A 211 21.71 -7.57 25.92
N ARG A 212 21.07 -8.43 25.12
CA ARG A 212 21.55 -9.78 24.92
C ARG A 212 22.93 -9.82 24.33
N THR A 213 23.76 -10.73 24.83
CA THR A 213 25.07 -10.98 24.27
C THR A 213 25.13 -12.36 23.64
N THR A 214 23.96 -12.97 23.40
CA THR A 214 23.87 -14.37 22.99
C THR A 214 23.76 -14.58 21.48
N GLN A 215 23.50 -13.51 20.74
CA GLN A 215 23.32 -13.61 19.30
C GLN A 215 24.67 -13.59 18.60
N LYS A 216 25.03 -14.72 18.01
CA LYS A 216 26.23 -14.83 17.20
C LYS A 216 25.91 -14.43 15.77
N PRO A 217 26.89 -13.87 15.07
CA PRO A 217 26.68 -13.35 13.72
C PRO A 217 26.19 -14.39 12.71
N ILE A 218 25.34 -13.91 11.81
CA ILE A 218 24.95 -14.65 10.63
C ILE A 218 25.46 -13.84 9.43
N SER A 219 26.32 -14.44 8.62
CA SER A 219 26.92 -13.76 7.49
C SER A 219 26.32 -14.31 6.21
N ILE A 220 25.69 -13.45 5.41
CA ILE A 220 25.13 -13.84 4.13
C ILE A 220 25.86 -13.06 3.04
N THR A 221 26.61 -13.77 2.21
CA THR A 221 27.39 -13.16 1.14
C THR A 221 27.20 -13.88 -0.16
N GLN A 222 27.56 -13.19 -1.24
CA GLN A 222 27.53 -13.73 -2.57
C GLN A 222 28.90 -13.42 -3.15
N PRO A 223 29.82 -14.38 -3.11
CA PRO A 223 31.21 -14.11 -3.50
C PRO A 223 31.39 -13.76 -4.97
N GLU A 224 30.47 -14.19 -5.84
CA GLU A 224 30.49 -13.84 -7.27
C GLU A 224 29.44 -12.80 -7.64
N GLY A 225 28.88 -12.13 -6.64
CA GLY A 225 27.82 -11.14 -6.83
C GLY A 225 26.46 -11.81 -7.00
N PRO A 226 25.43 -11.00 -7.22
CA PRO A 226 24.05 -11.50 -7.35
C PRO A 226 23.78 -12.10 -8.73
N SER A 227 22.72 -12.91 -8.80
CA SER A 227 22.35 -13.62 -10.02
C SER A 227 21.43 -12.80 -10.91
N PHE A 228 20.96 -11.67 -10.40
CA PHE A 228 20.16 -10.73 -11.19
C PHE A 228 21.04 -9.64 -11.81
N THR A 229 20.57 -9.11 -12.94
CA THR A 229 21.19 -7.95 -13.57
C THR A 229 20.23 -6.78 -13.50
N VAL A 230 20.79 -5.58 -13.40
CA VAL A 230 20.03 -4.36 -13.53
C VAL A 230 20.60 -3.60 -14.72
N THR A 231 19.73 -3.26 -15.66
CA THR A 231 20.06 -2.44 -16.82
C THR A 231 19.04 -1.32 -16.99
N GLY A 232 19.44 -0.25 -17.66
CA GLY A 232 18.55 0.88 -17.85
C GLY A 232 18.05 1.48 -16.54
N GLY A 233 18.84 1.33 -15.48
CA GLY A 233 18.49 1.88 -14.17
C GLY A 233 17.57 1.01 -13.32
N ASN A 234 16.59 0.36 -13.95
CA ASN A 234 15.54 -0.33 -13.20
C ASN A 234 14.93 -1.56 -13.88
N HIS A 235 15.58 -2.06 -14.91
CA HIS A 235 15.13 -3.28 -15.56
C HIS A 235 15.89 -4.45 -14.96
N ILE A 236 15.14 -5.38 -14.38
CA ILE A 236 15.69 -6.54 -13.69
C ILE A 236 15.51 -7.78 -14.55
N GLU A 237 16.56 -8.59 -14.65
CA GLU A 237 16.45 -9.92 -15.21
C GLU A 237 17.01 -10.90 -14.18
N TRP A 238 16.24 -11.91 -13.81
CA TRP A 238 16.64 -12.86 -12.79
C TRP A 238 15.95 -14.20 -12.98
N GLU A 239 16.72 -15.26 -13.23
CA GLU A 239 16.17 -16.63 -13.26
C GLU A 239 14.87 -16.75 -14.06
N LYS A 240 14.94 -16.28 -15.31
CA LYS A 240 13.89 -16.33 -16.32
C LYS A 240 12.89 -15.17 -16.21
N TRP A 241 12.84 -14.51 -15.05
CA TRP A 241 11.99 -13.34 -14.88
C TRP A 241 12.57 -12.07 -15.50
N SER A 242 11.67 -11.22 -15.98
CA SER A 242 11.94 -9.91 -16.57
C SER A 242 10.91 -8.95 -15.98
N LEU A 243 11.35 -7.78 -15.51
CA LEU A 243 10.44 -6.75 -15.04
C LEU A 243 11.13 -5.40 -14.93
N ASP A 244 10.35 -4.35 -14.75
CA ASP A 244 10.87 -3.01 -14.47
C ASP A 244 10.35 -2.56 -13.11
N VAL A 245 11.27 -2.05 -12.29
CA VAL A 245 10.93 -1.57 -10.96
C VAL A 245 10.69 -0.06 -11.00
N GLY A 246 9.42 0.33 -10.93
CA GLY A 246 9.04 1.72 -10.86
C GLY A 246 8.85 2.19 -9.43
N PHE A 247 8.71 3.50 -9.30
CA PHE A 247 8.43 4.09 -8.01
C PHE A 247 7.59 5.33 -8.21
N ASP A 248 6.55 5.42 -7.39
CA ASP A 248 5.61 6.53 -7.44
C ASP A 248 5.43 7.04 -6.01
N VAL A 249 5.32 8.35 -5.86
CA VAL A 249 5.28 8.96 -4.55
C VAL A 249 4.00 8.54 -3.78
N ARG A 250 2.93 8.24 -4.51
CA ARG A 250 1.71 7.75 -3.90
C ARG A 250 1.78 6.25 -3.56
N GLU A 251 1.98 5.43 -4.58
CA GLU A 251 1.90 3.97 -4.44
C GLU A 251 3.15 3.31 -3.86
N GLY A 252 4.30 3.98 -3.99
CA GLY A 252 5.58 3.40 -3.64
C GLY A 252 6.13 2.57 -4.78
N VAL A 253 6.73 1.43 -4.47
CA VAL A 253 7.28 0.55 -5.51
C VAL A 253 6.12 -0.02 -6.36
N VAL A 254 6.28 0.08 -7.66
CA VAL A 254 5.31 -0.42 -8.64
C VAL A 254 6.08 -1.33 -9.59
N LEU A 255 5.58 -2.53 -9.84
CA LEU A 255 6.22 -3.44 -10.77
C LEU A 255 5.52 -3.36 -12.13
N HIS A 256 6.32 -3.27 -13.19
CA HIS A 256 5.84 -3.21 -14.56
C HIS A 256 6.39 -4.37 -15.37
N ASN A 257 5.57 -4.87 -16.29
CA ASN A 257 6.03 -5.81 -17.32
C ASN A 257 6.63 -7.10 -16.74
N ILE A 258 5.95 -7.66 -15.74
CA ILE A 258 6.40 -8.91 -15.15
C ILE A 258 6.15 -10.00 -16.19
N ALA A 259 7.24 -10.65 -16.60
CA ALA A 259 7.20 -11.67 -17.64
C ALA A 259 8.24 -12.75 -17.32
N PHE A 260 8.07 -13.91 -17.95
CA PHE A 260 8.90 -15.08 -17.68
C PHE A 260 9.37 -15.66 -19.02
N ARG A 261 10.67 -15.91 -19.14
CA ARG A 261 11.24 -16.42 -20.39
C ARG A 261 11.16 -17.93 -20.38
N ASP A 262 10.22 -18.44 -21.15
CA ASP A 262 9.94 -19.87 -21.25
C ASP A 262 10.48 -20.35 -22.58
N GLY A 263 11.65 -20.98 -22.55
CA GLY A 263 12.35 -21.33 -23.76
C GLY A 263 12.76 -20.04 -24.46
N ASP A 264 12.33 -19.88 -25.70
CA ASP A 264 12.70 -18.70 -26.49
C ASP A 264 11.72 -17.54 -26.33
N ARG A 265 10.57 -17.76 -25.69
CA ARG A 265 9.49 -16.79 -25.68
C ARG A 265 9.42 -16.06 -24.35
N LEU A 266 9.39 -14.73 -24.41
CA LEU A 266 9.14 -13.90 -23.24
C LEU A 266 7.62 -13.80 -23.08
N ARG A 267 7.11 -14.44 -22.03
CA ARG A 267 5.67 -14.54 -21.81
C ARG A 267 5.24 -13.57 -20.72
N PRO A 268 4.41 -12.59 -21.07
CA PRO A 268 3.88 -11.68 -20.06
C PRO A 268 3.00 -12.41 -19.05
N ILE A 269 2.99 -11.89 -17.83
CA ILE A 269 2.13 -12.41 -16.77
C ILE A 269 1.30 -11.26 -16.16
N ILE A 270 1.99 -10.24 -15.64
CA ILE A 270 1.30 -9.08 -15.07
C ILE A 270 1.88 -7.80 -15.66
N ASN A 271 1.01 -6.96 -16.21
CA ASN A 271 1.43 -5.70 -16.80
C ASN A 271 1.84 -4.65 -15.77
N ARG A 272 1.09 -4.55 -14.69
CA ARG A 272 1.39 -3.61 -13.63
C ARG A 272 0.86 -4.15 -12.31
N ALA A 273 1.70 -4.10 -11.29
CA ALA A 273 1.33 -4.56 -9.94
C ALA A 273 1.68 -3.47 -8.97
N SER A 274 0.70 -3.08 -8.15
CA SER A 274 0.92 -2.06 -7.14
C SER A 274 -0.02 -2.25 -5.98
N ILE A 275 0.30 -1.60 -4.87
CA ILE A 275 -0.64 -1.41 -3.78
C ILE A 275 -1.25 -0.03 -4.03
N ALA A 276 -2.48 -0.04 -4.52
CA ALA A 276 -3.10 1.19 -5.02
C ALA A 276 -3.83 1.97 -3.94
N GLU A 277 -4.05 1.35 -2.78
CA GLU A 277 -4.60 2.01 -1.60
C GLU A 277 -4.29 1.19 -0.36
N MET A 278 -4.24 1.87 0.77
CA MET A 278 -4.24 1.20 2.04
C MET A 278 -4.91 2.10 3.06
N VAL A 279 -5.77 1.51 3.88
CA VAL A 279 -6.55 2.29 4.83
C VAL A 279 -6.49 1.64 6.21
N VAL A 280 -6.46 2.49 7.22
CA VAL A 280 -6.43 2.03 8.60
C VAL A 280 -7.67 2.60 9.32
N PRO A 281 -8.77 1.86 9.26
CA PRO A 281 -9.98 2.26 10.00
C PRO A 281 -9.94 1.87 11.47
N TYR A 282 -10.34 2.79 12.34
CA TYR A 282 -10.38 2.51 13.79
C TYR A 282 -11.79 2.19 14.28
N GLY A 283 -11.86 1.27 15.23
CA GLY A 283 -13.08 0.68 15.72
C GLY A 283 -13.51 1.13 17.12
N ASP A 284 -12.99 2.27 17.57
CA ASP A 284 -13.35 2.89 18.86
C ASP A 284 -14.46 3.92 18.64
N PRO A 285 -15.64 3.70 19.24
CA PRO A 285 -16.76 4.64 19.06
C PRO A 285 -16.62 5.95 19.84
N SER A 286 -15.56 6.15 20.61
CA SER A 286 -15.34 7.45 21.27
C SER A 286 -15.33 8.55 20.23
N PRO A 287 -16.01 9.68 20.47
CA PRO A 287 -15.94 10.83 19.54
C PRO A 287 -14.53 11.42 19.38
N ILE A 288 -13.61 11.12 20.30
CA ILE A 288 -12.23 11.56 20.16
C ILE A 288 -11.53 10.89 18.97
N ARG A 289 -11.92 9.65 18.63
CA ARG A 289 -11.29 8.92 17.54
C ARG A 289 -12.25 8.27 16.53
N SER A 290 -13.57 8.43 16.67
CA SER A 290 -14.49 7.65 15.81
C SER A 290 -14.47 8.06 14.34
N TRP A 291 -13.86 9.22 14.07
CA TRP A 291 -13.66 9.76 12.71
C TRP A 291 -12.36 9.25 12.04
N GLN A 292 -11.54 8.50 12.78
CA GLN A 292 -10.17 8.13 12.41
C GLN A 292 -10.13 7.04 11.35
N ASN A 293 -9.69 7.36 10.13
CA ASN A 293 -9.41 6.38 9.08
C ASN A 293 -8.27 6.89 8.23
N TYR A 294 -7.09 6.29 8.33
CA TYR A 294 -5.95 6.84 7.64
C TYR A 294 -5.70 6.09 6.33
N PHE A 295 -5.89 6.79 5.22
CA PHE A 295 -5.56 6.24 3.92
C PHE A 295 -4.10 6.59 3.68
N ASP A 296 -3.22 5.74 4.18
CA ASP A 296 -1.80 6.05 4.14
C ASP A 296 -1.32 6.31 2.71
N THR A 297 -1.82 5.53 1.76
CA THR A 297 -1.46 5.69 0.36
C THR A 297 -2.16 6.91 -0.27
N GLY A 298 -3.48 6.95 -0.19
CA GLY A 298 -4.28 7.95 -0.89
C GLY A 298 -4.23 9.34 -0.32
N GLU A 299 -4.15 9.46 1.01
CA GLU A 299 -4.13 10.75 1.68
C GLU A 299 -2.71 11.25 1.97
N TYR A 300 -1.84 10.36 2.41
CA TYR A 300 -0.49 10.77 2.85
C TYR A 300 0.62 10.58 1.81
N LEU A 301 0.45 9.61 0.91
CA LEU A 301 1.41 9.23 -0.14
C LEU A 301 2.58 8.45 0.49
N VAL A 302 2.48 7.12 0.49
CA VAL A 302 3.47 6.28 1.20
C VAL A 302 4.86 6.34 0.59
N GLY A 303 4.94 6.55 -0.72
CA GLY A 303 6.25 6.67 -1.36
C GLY A 303 7.07 7.85 -0.84
N GLN A 304 6.38 8.95 -0.54
CA GLN A 304 7.00 10.19 -0.09
C GLN A 304 7.83 9.98 1.18
N TYR A 305 7.37 9.06 2.02
CA TYR A 305 7.97 8.81 3.34
C TYR A 305 8.80 7.52 3.41
N ALA A 306 9.15 6.99 2.24
CA ALA A 306 10.03 5.85 2.17
C ALA A 306 11.32 6.15 2.91
N ASN A 307 11.74 5.19 3.73
CA ASN A 307 12.96 5.27 4.50
C ASN A 307 14.20 5.09 3.62
N SER A 308 15.30 5.73 3.99
CA SER A 308 16.62 5.33 3.49
C SER A 308 17.06 4.09 4.26
N LEU A 309 17.31 2.99 3.54
CA LEU A 309 17.53 1.67 4.13
C LEU A 309 19.00 1.32 4.27
N GLU A 310 19.41 1.02 5.49
CA GLU A 310 20.82 0.83 5.85
C GLU A 310 21.26 -0.63 5.71
N LEU A 311 22.43 -0.84 5.14
CA LEU A 311 22.95 -2.18 4.84
C LEU A 311 23.28 -2.97 6.11
N GLY A 312 22.89 -4.25 6.13
CA GLY A 312 23.13 -5.13 7.26
C GLY A 312 22.19 -4.87 8.42
N CYS A 313 21.26 -3.95 8.22
CA CYS A 313 20.32 -3.54 9.24
C CYS A 313 18.91 -3.75 8.70
N ASP A 314 18.57 -3.02 7.66
CA ASP A 314 17.25 -3.13 7.03
C ASP A 314 17.21 -4.22 5.97
N CYS A 315 18.27 -4.30 5.18
CA CYS A 315 18.37 -5.27 4.09
C CYS A 315 19.68 -6.02 4.22
N LEU A 316 19.60 -7.33 4.37
CA LEU A 316 20.76 -8.14 4.70
C LEU A 316 21.15 -9.00 3.50
N GLY A 317 22.45 -9.05 3.22
CA GLY A 317 22.98 -9.84 2.12
C GLY A 317 23.67 -8.96 1.10
N ASP A 318 23.76 -9.45 -0.12
CA ASP A 318 24.31 -8.69 -1.24
C ASP A 318 23.17 -7.89 -1.83
N ILE A 319 23.11 -6.61 -1.47
CA ILE A 319 21.97 -5.75 -1.82
C ILE A 319 22.34 -4.79 -2.94
N THR A 320 21.44 -4.67 -3.92
CA THR A 320 21.48 -3.62 -4.93
C THR A 320 20.36 -2.64 -4.61
N TYR A 321 20.71 -1.37 -4.48
CA TYR A 321 19.74 -0.33 -4.15
C TYR A 321 19.33 0.49 -5.36
N LEU A 322 18.08 0.94 -5.36
CA LEU A 322 17.66 2.04 -6.20
C LEU A 322 17.37 3.22 -5.29
N SER A 323 17.63 4.42 -5.81
CA SER A 323 17.43 5.66 -5.08
C SER A 323 16.49 6.53 -5.89
N PRO A 324 15.19 6.33 -5.69
CA PRO A 324 14.19 7.04 -6.48
C PRO A 324 14.16 8.52 -6.16
N VAL A 325 13.80 9.32 -7.16
CA VAL A 325 13.75 10.77 -7.03
C VAL A 325 12.29 11.17 -7.05
N ILE A 326 11.93 12.06 -6.13
CA ILE A 326 10.61 12.65 -6.05
C ILE A 326 10.71 14.17 -6.06
N SER A 327 9.57 14.83 -6.23
CA SER A 327 9.50 16.30 -6.17
C SER A 327 9.24 16.76 -4.75
N ASP A 328 9.94 17.82 -4.32
CA ASP A 328 9.53 18.52 -3.11
C ASP A 328 8.32 19.42 -3.42
N ALA A 329 7.90 20.22 -2.44
CA ALA A 329 6.70 21.06 -2.61
C ALA A 329 6.86 22.15 -3.66
N PHE A 330 8.10 22.46 -4.04
CA PHE A 330 8.38 23.53 -4.98
C PHE A 330 8.76 23.05 -6.37
N GLY A 331 8.82 21.72 -6.56
CA GLY A 331 9.18 21.13 -7.84
C GLY A 331 10.66 20.83 -7.97
N ASN A 332 11.45 20.97 -6.90
CA ASN A 332 12.87 20.60 -6.95
C ASN A 332 13.01 19.10 -6.69
N PRO A 333 13.90 18.42 -7.39
CA PRO A 333 14.10 16.98 -7.15
C PRO A 333 14.75 16.70 -5.78
N ARG A 334 14.29 15.61 -5.16
CA ARG A 334 14.83 15.13 -3.90
C ARG A 334 15.03 13.63 -4.03
N GLU A 335 16.23 13.16 -3.75
CA GLU A 335 16.54 11.74 -3.82
C GLU A 335 16.19 11.05 -2.49
N ILE A 336 15.55 9.88 -2.57
CA ILE A 336 15.42 8.98 -1.42
C ILE A 336 16.54 7.96 -1.57
N ARG A 337 17.67 8.27 -0.95
CA ARG A 337 18.86 7.43 -1.08
C ARG A 337 18.59 6.05 -0.51
N ASN A 338 18.92 5.03 -1.29
CA ASN A 338 18.78 3.63 -0.85
C ASN A 338 17.34 3.34 -0.38
N GLY A 339 16.39 3.90 -1.13
CA GLY A 339 14.98 3.76 -0.80
C GLY A 339 14.37 2.44 -1.24
N ILE A 340 14.98 1.75 -2.21
CA ILE A 340 14.49 0.45 -2.67
C ILE A 340 15.59 -0.59 -2.54
N CYS A 341 15.30 -1.70 -1.87
CA CYS A 341 16.22 -2.81 -1.77
C CYS A 341 15.88 -3.89 -2.78
N MET A 342 16.92 -4.43 -3.40
CA MET A 342 16.77 -5.58 -4.30
C MET A 342 17.84 -6.61 -3.96
N HIS A 343 17.40 -7.84 -3.67
CA HIS A 343 18.32 -8.93 -3.47
C HIS A 343 17.64 -10.26 -3.71
N GLU A 344 18.45 -11.30 -3.94
CA GLU A 344 17.92 -12.66 -3.99
C GLU A 344 18.26 -13.37 -2.69
N GLU A 345 17.42 -14.31 -2.28
CA GLU A 345 17.73 -15.10 -1.10
C GLU A 345 17.33 -16.55 -1.27
N ASP A 346 18.03 -17.40 -0.55
CA ASP A 346 17.72 -18.80 -0.52
C ASP A 346 16.33 -18.97 0.07
N TRP A 347 15.58 -19.94 -0.44
CA TRP A 347 14.23 -20.22 0.06
C TRP A 347 13.99 -21.72 0.28
N GLY A 348 14.97 -22.38 0.90
CA GLY A 348 14.81 -23.75 1.34
C GLY A 348 14.75 -24.71 0.16
N ILE A 349 14.07 -25.82 0.35
CA ILE A 349 13.98 -26.85 -0.68
C ILE A 349 12.91 -26.46 -1.71
N LEU A 350 13.27 -26.62 -2.98
CA LEU A 350 12.38 -26.40 -4.12
C LEU A 350 11.62 -27.67 -4.51
N ALA A 351 12.34 -28.77 -4.59
CA ALA A 351 11.79 -30.05 -4.99
C ALA A 351 12.71 -31.15 -4.49
N LYS A 352 12.12 -32.26 -4.09
CA LYS A 352 12.89 -33.34 -3.50
C LYS A 352 12.15 -34.66 -3.70
N HIS A 353 12.88 -35.67 -4.14
CA HIS A 353 12.35 -37.03 -4.14
C HIS A 353 13.44 -38.05 -4.04
N SER A 354 13.24 -39.05 -3.19
CA SER A 354 14.16 -40.18 -3.08
C SER A 354 13.37 -41.41 -3.52
N ASP A 355 13.69 -41.97 -4.68
CA ASP A 355 12.81 -42.98 -5.26
C ASP A 355 13.23 -44.42 -4.95
N LEU A 356 12.27 -45.19 -4.44
CA LEU A 356 12.49 -46.58 -3.99
C LEU A 356 12.73 -47.58 -5.13
N TRP A 357 12.30 -47.23 -6.34
CA TRP A 357 12.48 -48.11 -7.49
C TRP A 357 13.64 -47.75 -8.42
N SER A 358 13.90 -46.46 -8.63
CA SER A 358 14.95 -46.04 -9.55
C SER A 358 16.29 -45.88 -8.84
N GLY A 359 16.23 -45.75 -7.51
CA GLY A 359 17.41 -45.47 -6.71
C GLY A 359 17.93 -44.04 -6.80
N ILE A 360 17.23 -43.17 -7.52
CA ILE A 360 17.68 -41.81 -7.74
C ILE A 360 17.21 -40.94 -6.60
N ASN A 361 18.14 -40.24 -6.00
CA ASN A 361 17.86 -39.25 -4.97
C ASN A 361 18.16 -37.86 -5.52
N TYR A 362 17.19 -36.98 -5.37
CA TYR A 362 17.19 -35.69 -6.05
C TYR A 362 16.74 -34.63 -5.09
N THR A 363 17.52 -33.57 -4.99
CA THR A 363 17.15 -32.41 -4.17
C THR A 363 17.58 -31.16 -4.91
N ARG A 364 16.71 -30.16 -4.93
CA ARG A 364 17.02 -28.84 -5.49
C ARG A 364 16.59 -27.75 -4.53
N ARG A 365 17.33 -26.65 -4.51
CA ARG A 365 17.05 -25.52 -3.63
C ARG A 365 16.27 -24.45 -4.37
N ASN A 366 15.41 -23.77 -3.61
CA ASN A 366 14.65 -22.63 -4.11
C ASN A 366 15.33 -21.32 -3.79
N ARG A 367 14.94 -20.29 -4.53
CA ARG A 367 15.33 -18.92 -4.24
C ARG A 367 14.22 -17.98 -4.62
N ARG A 368 14.27 -16.78 -4.05
CA ARG A 368 13.37 -15.73 -4.47
C ARG A 368 14.11 -14.41 -4.65
N MET A 369 13.65 -13.65 -5.62
CA MET A 369 14.05 -12.26 -5.79
C MET A 369 13.12 -11.41 -4.96
N VAL A 370 13.70 -10.46 -4.23
CA VAL A 370 12.99 -9.60 -3.31
C VAL A 370 13.17 -8.15 -3.73
N ILE A 371 12.06 -7.45 -3.89
CA ILE A 371 12.06 -6.01 -4.16
C ILE A 371 11.21 -5.33 -3.08
N SER A 372 11.84 -4.46 -2.29
CA SER A 372 11.14 -3.91 -1.13
C SER A 372 11.45 -2.44 -0.85
N PHE A 373 10.54 -1.83 -0.11
CA PHE A 373 10.76 -0.54 0.53
C PHE A 373 10.08 -0.51 1.89
N PHE A 374 10.45 0.46 2.71
CA PHE A 374 9.84 0.62 4.02
C PHE A 374 9.45 2.06 4.16
N THR A 375 8.24 2.33 4.66
CA THR A 375 7.77 3.69 4.81
C THR A 375 7.35 3.94 6.25
N THR A 376 7.31 5.20 6.64
CA THR A 376 6.86 5.58 7.96
C THR A 376 5.76 6.62 7.82
N ILE A 377 4.62 6.35 8.45
CA ILE A 377 3.50 7.26 8.43
C ILE A 377 3.14 7.53 9.89
N GLY A 378 3.70 8.58 10.48
CA GLY A 378 3.49 8.91 11.87
C GLY A 378 3.99 7.82 12.82
N ASN A 379 3.07 7.17 13.52
CA ASN A 379 3.40 6.05 14.40
C ASN A 379 3.69 4.74 13.67
N TPQ A 380 3.11 4.56 12.49
CA TPQ A 380 3.20 3.29 11.76
CB TPQ A 380 2.11 3.03 10.68
C TPQ A 380 4.44 3.22 10.89
O TPQ A 380 4.85 4.25 10.35
C1 TPQ A 380 0.72 3.37 11.11
C2 TPQ A 380 -0.02 2.53 12.09
O2 TPQ A 380 0.56 1.53 12.59
C3 TPQ A 380 -1.40 2.91 12.49
C4 TPQ A 380 -2.01 4.03 11.92
O4 TPQ A 380 -3.18 4.38 12.25
C5 TPQ A 380 -1.27 4.86 10.92
O5 TPQ A 380 -1.77 5.86 10.39
C6 TPQ A 380 0.11 4.48 10.55
H TPQ A 380 2.57 5.29 12.06
HA TPQ A 380 3.20 2.44 12.46
HB2 TPQ A 380 2.35 3.58 9.78
HB3 TPQ A 380 2.13 1.96 10.43
H3 TPQ A 380 -1.94 2.31 13.22
H6 TPQ A 380 0.65 5.07 9.82
N ASP A 381 4.99 2.03 10.73
CA ASP A 381 6.03 1.77 9.74
C ASP A 381 5.69 0.49 9.02
N TYR A 382 5.67 0.54 7.69
CA TYR A 382 5.29 -0.61 6.89
C TYR A 382 6.38 -0.96 5.87
N GLY A 383 6.71 -2.23 5.79
CA GLY A 383 7.51 -2.80 4.72
C GLY A 383 6.61 -3.41 3.65
N PHE A 384 6.89 -3.08 2.39
CA PHE A 384 6.19 -3.62 1.23
C PHE A 384 7.20 -4.49 0.47
N TYR A 385 6.91 -5.77 0.35
CA TYR A 385 7.80 -6.77 -0.24
C TYR A 385 7.13 -7.49 -1.39
N TRP A 386 7.76 -7.46 -2.56
CA TRP A 386 7.39 -8.30 -3.69
C TRP A 386 8.45 -9.38 -3.88
N TYR A 387 7.97 -10.61 -4.09
CA TYR A 387 8.78 -11.78 -4.27
C TYR A 387 8.48 -12.46 -5.60
N LEU A 388 9.53 -12.86 -6.32
CA LEU A 388 9.45 -13.71 -7.49
C LEU A 388 10.21 -14.98 -7.17
N TYR A 389 9.58 -16.14 -7.38
CA TYR A 389 10.19 -17.42 -7.06
C TYR A 389 10.60 -18.18 -8.30
N LEU A 390 11.54 -19.11 -8.15
CA LEU A 390 12.04 -19.88 -9.30
C LEU A 390 10.90 -20.59 -10.02
N ASP A 391 9.91 -21.06 -9.27
CA ASP A 391 8.85 -21.90 -9.82
C ASP A 391 7.70 -21.12 -10.48
N GLY A 392 7.83 -19.81 -10.61
CA GLY A 392 6.82 -18.99 -11.26
C GLY A 392 5.86 -18.27 -10.32
N THR A 393 5.94 -18.56 -9.03
CA THR A 393 5.08 -17.92 -8.05
C THR A 393 5.46 -16.45 -7.86
N ILE A 394 4.43 -15.60 -7.72
CA ILE A 394 4.57 -14.17 -7.46
C ILE A 394 3.85 -13.92 -6.13
N GLU A 395 4.49 -13.20 -5.22
CA GLU A 395 3.90 -12.96 -3.90
C GLU A 395 4.15 -11.52 -3.45
N PHE A 396 3.20 -11.00 -2.71
CA PHE A 396 3.36 -9.75 -2.00
C PHE A 396 3.17 -10.00 -0.51
N GLU A 397 3.95 -9.31 0.30
CA GLU A 397 3.83 -9.34 1.74
C GLU A 397 4.01 -7.94 2.28
N ALA A 398 3.10 -7.54 3.18
CA ALA A 398 3.24 -6.30 3.94
C ALA A 398 3.68 -6.68 5.34
N LYS A 399 4.65 -5.94 5.88
CA LYS A 399 5.13 -6.12 7.25
C LYS A 399 4.80 -4.87 8.03
N ALA A 400 3.92 -5.01 9.01
CA ALA A 400 3.46 -3.90 9.83
C ALA A 400 4.18 -3.88 11.15
N THR A 401 4.78 -2.72 11.44
CA THR A 401 5.46 -2.51 12.72
C THR A 401 5.30 -1.02 13.09
N GLY A 402 6.19 -0.48 13.91
CA GLY A 402 6.07 0.87 14.45
C GLY A 402 5.56 0.84 15.87
N VAL A 403 4.87 1.90 16.25
CA VAL A 403 4.33 2.05 17.61
C VAL A 403 2.81 2.11 17.45
N VAL A 404 2.09 1.38 18.29
CA VAL A 404 0.64 1.37 18.16
C VAL A 404 0.04 2.73 18.52
N PHE A 405 -1.04 3.10 17.85
CA PHE A 405 -1.73 4.35 18.12
C PHE A 405 -2.48 4.19 19.44
N THR A 406 -2.26 5.09 20.38
CA THR A 406 -2.76 4.93 21.74
C THR A 406 -3.87 5.88 22.12
N SER A 407 -4.48 5.54 23.25
CA SER A 407 -5.53 6.28 23.89
C SER A 407 -5.41 6.02 25.38
N ALA A 408 -6.29 6.62 26.18
CA ALA A 408 -6.44 6.18 27.55
C ALA A 408 -7.14 4.82 27.55
N PHE A 409 -6.88 4.03 28.58
CA PHE A 409 -7.65 2.82 28.81
C PHE A 409 -8.71 3.15 29.86
N PRO A 410 -9.99 3.03 29.48
CA PRO A 410 -11.08 3.45 30.37
C PRO A 410 -11.13 2.65 31.65
N GLU A 411 -11.45 3.32 32.74
CA GLU A 411 -11.77 2.66 33.99
C GLU A 411 -12.96 1.75 33.73
N GLY A 412 -12.86 0.49 34.15
CA GLY A 412 -13.94 -0.46 33.89
C GLY A 412 -13.89 -1.10 32.52
N GLY A 413 -12.81 -0.87 31.78
CA GLY A 413 -12.53 -1.59 30.56
C GLY A 413 -13.23 -1.05 29.32
N SER A 414 -13.06 -1.78 28.24
CA SER A 414 -13.58 -1.39 26.93
C SER A 414 -13.79 -2.59 26.03
N ASP A 415 -14.88 -2.55 25.27
CA ASP A 415 -15.11 -3.51 24.20
C ASP A 415 -14.37 -3.16 22.90
N ASN A 416 -13.72 -2.00 22.84
CA ASN A 416 -13.15 -1.51 21.59
C ASN A 416 -11.70 -1.05 21.69
N ILE A 417 -11.09 -1.26 22.84
CA ILE A 417 -9.73 -0.79 23.15
C ILE A 417 -9.08 -1.86 24.00
N SER A 418 -7.81 -2.18 23.78
CA SER A 418 -7.13 -3.07 24.71
C SER A 418 -6.14 -2.32 25.60
N GLN A 419 -5.81 -2.92 26.74
CA GLN A 419 -4.86 -2.31 27.67
C GLN A 419 -3.44 -2.76 27.38
N LEU A 420 -2.50 -1.81 27.33
CA LEU A 420 -1.08 -2.07 27.03
C LEU A 420 -0.15 -1.89 28.23
N ALA A 421 -0.55 -0.98 29.11
CA ALA A 421 0.23 -0.56 30.26
C ALA A 421 -0.76 0.14 31.17
N PRO A 422 -0.40 0.43 32.42
CA PRO A 422 -1.34 1.07 33.34
C PRO A 422 -1.93 2.38 32.79
N GLY A 423 -3.24 2.36 32.56
CA GLY A 423 -3.96 3.50 32.05
C GLY A 423 -3.83 3.73 30.55
N LEU A 424 -3.06 2.89 29.88
CA LEU A 424 -2.74 3.07 28.46
C LEU A 424 -3.51 2.09 27.59
N GLY A 425 -4.23 2.64 26.62
CA GLY A 425 -5.06 1.86 25.72
C GLY A 425 -4.57 1.87 24.29
N ALA A 426 -5.02 0.91 23.50
CA ALA A 426 -4.79 0.86 22.05
C ALA A 426 -6.11 0.52 21.39
N PRO A 427 -6.73 1.48 20.73
CA PRO A 427 -7.99 1.21 20.03
C PRO A 427 -7.84 0.15 18.95
N PHE A 428 -8.86 -0.70 18.84
CA PHE A 428 -8.91 -1.71 17.79
C PHE A 428 -8.96 -1.05 16.42
N HIS A 429 -8.39 -1.69 15.42
CA HIS A 429 -8.33 -1.11 14.08
C HIS A 429 -7.99 -2.21 13.09
N GLN A 430 -8.05 -1.90 11.80
CA GLN A 430 -7.61 -2.78 10.73
C GLN A 430 -6.59 -2.04 9.87
N HIS A 431 -5.74 -2.76 9.15
CA HIS A 431 -4.89 -2.21 8.10
C HIS A 431 -5.27 -2.97 6.84
N ILE A 432 -5.91 -2.30 5.89
CA ILE A 432 -6.48 -2.99 4.72
C ILE A 432 -5.87 -2.41 3.45
N PHE A 433 -5.31 -3.33 2.65
CA PHE A 433 -4.59 -3.03 1.45
C PHE A 433 -5.46 -3.38 0.24
N SER A 434 -5.23 -2.66 -0.86
CA SER A 434 -5.77 -3.04 -2.17
C SER A 434 -4.61 -3.20 -3.15
N ALA A 435 -4.42 -4.42 -3.65
CA ALA A 435 -3.45 -4.68 -4.69
C ALA A 435 -4.15 -4.59 -6.03
N ARG A 436 -3.65 -3.72 -6.90
CA ARG A 436 -4.16 -3.54 -8.24
C ARG A 436 -3.22 -4.28 -9.19
N LEU A 437 -3.75 -5.34 -9.79
CA LEU A 437 -2.99 -6.20 -10.69
C LEU A 437 -3.59 -6.08 -12.09
N ASP A 438 -2.94 -5.28 -12.92
CA ASP A 438 -3.27 -5.15 -14.32
C ASP A 438 -2.69 -6.38 -14.99
N MET A 439 -3.57 -7.34 -15.24
CA MET A 439 -3.17 -8.68 -15.68
C MET A 439 -2.77 -8.68 -17.15
N ALA A 440 -1.82 -9.55 -17.49
CA ALA A 440 -1.47 -9.80 -18.89
C ALA A 440 -0.98 -11.23 -19.06
N ILE A 441 -1.84 -12.19 -18.70
CA ILE A 441 -1.49 -13.61 -18.79
C ILE A 441 -1.31 -13.99 -20.26
N ASP A 442 -0.05 -14.17 -20.66
CA ASP A 442 0.30 -14.44 -22.05
C ASP A 442 -0.20 -13.37 -23.01
N GLY A 443 -0.25 -12.13 -22.54
CA GLY A 443 -0.84 -11.03 -23.28
C GLY A 443 -2.10 -10.53 -22.61
N PHE A 444 -2.77 -9.59 -23.26
CA PHE A 444 -3.85 -8.85 -22.62
C PHE A 444 -5.25 -9.47 -22.64
N THR A 445 -5.47 -10.46 -23.51
CA THR A 445 -6.78 -11.10 -23.60
C THR A 445 -6.96 -12.09 -22.44
N ASN A 446 -7.55 -11.62 -21.34
CA ASN A 446 -7.69 -12.42 -20.14
C ASN A 446 -9.14 -12.54 -19.64
N ARG A 447 -9.36 -13.50 -18.75
CA ARG A 447 -10.64 -13.65 -18.06
C ARG A 447 -10.35 -14.19 -16.66
N VAL A 448 -11.32 -14.04 -15.77
CA VAL A 448 -11.22 -14.52 -14.40
C VAL A 448 -12.33 -15.52 -14.12
N GLU A 449 -11.94 -16.63 -13.49
CA GLU A 449 -12.87 -17.61 -12.98
C GLU A 449 -12.72 -17.70 -11.47
N GLU A 450 -13.84 -17.87 -10.79
CA GLU A 450 -13.86 -18.19 -9.38
C GLU A 450 -13.93 -19.71 -9.27
N GLU A 451 -12.99 -20.29 -8.52
CA GLU A 451 -12.93 -21.74 -8.37
C GLU A 451 -13.21 -22.13 -6.93
N ASP A 452 -14.22 -22.98 -6.75
CA ASP A 452 -14.59 -23.51 -5.45
C ASP A 452 -14.42 -25.04 -5.48
N VAL A 453 -13.98 -25.59 -4.35
CA VAL A 453 -14.07 -27.03 -4.13
C VAL A 453 -15.56 -27.42 -4.10
N VAL A 454 -15.86 -28.61 -4.63
CA VAL A 454 -17.21 -29.15 -4.68
C VAL A 454 -17.22 -30.50 -3.97
N ARG A 455 -17.98 -30.57 -2.89
CA ARG A 455 -18.20 -31.83 -2.21
C ARG A 455 -19.28 -32.62 -2.94
N GLN A 456 -19.18 -33.95 -2.86
CA GLN A 456 -20.06 -34.85 -3.56
C GLN A 456 -20.69 -35.81 -2.57
N THR A 457 -21.95 -36.15 -2.83
CA THR A 457 -22.72 -37.05 -2.00
C THR A 457 -22.47 -38.51 -2.36
N MET A 458 -22.37 -39.35 -1.33
CA MET A 458 -22.26 -40.79 -1.48
C MET A 458 -23.54 -41.27 -2.18
N GLY A 459 -23.35 -42.08 -3.21
CA GLY A 459 -24.46 -42.54 -4.02
C GLY A 459 -23.94 -43.08 -5.33
N PRO A 460 -24.84 -43.29 -6.29
CA PRO A 460 -24.43 -43.80 -7.60
C PRO A 460 -23.34 -42.95 -8.24
N GLY A 461 -22.31 -43.63 -8.74
CA GLY A 461 -21.13 -42.96 -9.27
C GLY A 461 -20.10 -42.60 -8.20
N ASN A 462 -20.44 -42.81 -6.94
CA ASN A 462 -19.59 -42.40 -5.80
C ASN A 462 -19.94 -43.26 -4.60
N GLU A 463 -19.91 -44.58 -4.80
CA GLU A 463 -20.51 -45.51 -3.85
C GLU A 463 -19.79 -45.55 -2.51
N ARG A 464 -18.50 -45.24 -2.51
CA ARG A 464 -17.71 -45.17 -1.28
C ARG A 464 -17.68 -43.77 -0.64
N GLY A 465 -18.25 -42.76 -1.29
CA GLY A 465 -18.38 -41.45 -0.69
C GLY A 465 -17.06 -40.74 -0.50
N ASN A 466 -16.14 -40.98 -1.42
CA ASN A 466 -14.83 -40.38 -1.38
C ASN A 466 -14.61 -39.27 -2.38
N ALA A 467 -15.43 -39.19 -3.41
CA ALA A 467 -15.16 -38.26 -4.50
C ALA A 467 -15.28 -36.82 -4.03
N PHE A 468 -14.42 -35.97 -4.58
CA PHE A 468 -14.59 -34.53 -4.51
C PHE A 468 -14.06 -33.93 -5.80
N SER A 469 -14.53 -32.71 -6.07
CA SER A 469 -14.26 -32.07 -7.33
C SER A 469 -14.11 -30.58 -7.12
N ARG A 470 -14.28 -29.82 -8.19
CA ARG A 470 -14.23 -28.37 -8.13
C ARG A 470 -15.04 -27.81 -9.29
N LYS A 471 -15.36 -26.53 -9.18
CA LYS A 471 -16.11 -25.84 -10.21
C LYS A 471 -15.49 -24.49 -10.46
N ARG A 472 -15.62 -24.03 -11.69
CA ARG A 472 -15.11 -22.73 -12.09
C ARG A 472 -16.24 -21.94 -12.71
N THR A 473 -16.39 -20.71 -12.28
CA THR A 473 -17.40 -19.81 -12.80
C THR A 473 -16.74 -18.60 -13.42
N VAL A 474 -16.91 -18.40 -14.72
CA VAL A 474 -16.32 -17.26 -15.41
C VAL A 474 -17.08 -16.01 -15.00
N LEU A 475 -16.33 -14.95 -14.70
CA LEU A 475 -16.90 -13.64 -14.41
C LEU A 475 -16.95 -12.91 -15.74
N THR A 476 -18.15 -12.75 -16.29
CA THR A 476 -18.26 -12.30 -17.68
C THR A 476 -18.34 -10.78 -17.84
N ARG A 477 -18.91 -10.11 -16.86
CA ARG A 477 -19.09 -8.66 -16.90
C ARG A 477 -18.84 -8.06 -15.54
N GLU A 478 -18.54 -6.77 -15.49
CA GLU A 478 -18.12 -6.16 -14.23
C GLU A 478 -19.18 -6.26 -13.14
N SER A 479 -20.47 -6.26 -13.51
CA SER A 479 -21.57 -6.40 -12.53
C SER A 479 -21.51 -7.71 -11.73
N GLU A 480 -20.90 -8.73 -12.31
CA GLU A 480 -20.79 -10.06 -11.71
C GLU A 480 -19.42 -10.28 -11.07
N ALA A 481 -18.60 -9.24 -11.00
CA ALA A 481 -17.19 -9.44 -10.66
C ALA A 481 -16.76 -8.85 -9.32
N VAL A 482 -17.72 -8.68 -8.42
CA VAL A 482 -17.43 -8.24 -7.06
C VAL A 482 -17.66 -9.45 -6.15
N ARG A 483 -16.55 -10.03 -5.69
CA ARG A 483 -16.55 -11.34 -5.06
C ARG A 483 -16.03 -11.33 -3.63
N GLU A 484 -16.53 -12.28 -2.86
CA GLU A 484 -16.09 -12.48 -1.50
C GLU A 484 -15.34 -13.81 -1.34
N ALA A 485 -14.53 -13.86 -0.29
CA ALA A 485 -13.81 -15.06 0.08
C ALA A 485 -14.78 -16.15 0.52
N ASP A 486 -14.32 -17.41 0.36
CA ASP A 486 -14.99 -18.54 1.00
C ASP A 486 -13.92 -19.56 1.35
N ALA A 487 -13.27 -19.37 2.49
CA ALA A 487 -12.17 -20.24 2.87
C ALA A 487 -12.61 -21.71 3.03
N ARG A 488 -13.83 -21.90 3.50
CA ARG A 488 -14.36 -23.25 3.79
C ARG A 488 -14.41 -24.09 2.53
N THR A 489 -14.67 -23.43 1.39
CA THR A 489 -14.73 -24.11 0.10
C THR A 489 -13.46 -23.92 -0.72
N GLY A 490 -12.40 -23.46 -0.08
CA GLY A 490 -11.12 -23.32 -0.75
C GLY A 490 -11.15 -22.39 -1.96
N ARG A 491 -11.95 -21.34 -1.88
CA ARG A 491 -12.12 -20.47 -3.03
C ARG A 491 -10.88 -19.71 -3.44
N THR A 492 -10.57 -19.79 -4.72
CA THR A 492 -9.51 -19.01 -5.35
C THR A 492 -10.05 -18.41 -6.64
N TRP A 493 -9.22 -17.60 -7.28
CA TRP A 493 -9.57 -16.99 -8.56
C TRP A 493 -8.45 -17.21 -9.56
N ILE A 494 -8.81 -17.70 -10.73
CA ILE A 494 -7.88 -18.00 -11.80
C ILE A 494 -7.99 -16.96 -12.89
N ILE A 495 -6.87 -16.35 -13.25
CA ILE A 495 -6.80 -15.46 -14.39
C ILE A 495 -6.18 -16.28 -15.52
N SER A 496 -6.92 -16.43 -16.62
CA SER A 496 -6.43 -17.19 -17.75
C SER A 496 -6.48 -16.40 -19.04
N ASN A 497 -5.83 -16.93 -20.07
CA ASN A 497 -5.93 -16.38 -21.42
C ASN A 497 -6.67 -17.41 -22.26
N PRO A 498 -7.92 -17.14 -22.60
CA PRO A 498 -8.72 -18.13 -23.36
C PRO A 498 -8.20 -18.42 -24.77
N GLU A 499 -7.31 -17.57 -25.29
CA GLU A 499 -6.73 -17.75 -26.63
C GLU A 499 -5.33 -18.35 -26.64
N SER A 500 -4.76 -18.61 -25.46
CA SER A 500 -3.44 -19.20 -25.37
C SER A 500 -3.53 -20.49 -24.58
N LYS A 501 -3.28 -21.61 -25.26
CA LYS A 501 -3.40 -22.93 -24.65
C LYS A 501 -2.04 -23.57 -24.42
N ASN A 502 -1.94 -24.39 -23.38
CA ASN A 502 -0.73 -25.14 -23.11
C ASN A 502 -0.76 -26.40 -23.96
N ARG A 503 0.23 -27.27 -23.80
CA ARG A 503 0.37 -28.42 -24.70
C ARG A 503 -0.72 -29.47 -24.49
N LEU A 504 -1.44 -29.36 -23.37
CA LEU A 504 -2.58 -30.22 -23.10
C LEU A 504 -3.93 -29.61 -23.53
N ASN A 505 -3.86 -28.56 -24.34
CA ASN A 505 -5.03 -27.86 -24.89
C ASN A 505 -5.92 -27.18 -23.84
N GLU A 506 -5.31 -26.76 -22.74
CA GLU A 506 -6.04 -26.03 -21.69
C GLU A 506 -5.54 -24.58 -21.67
N PRO A 507 -6.44 -23.59 -21.52
CA PRO A 507 -6.02 -22.20 -21.33
C PRO A 507 -4.98 -22.02 -20.21
N VAL A 508 -3.93 -21.29 -20.52
CA VAL A 508 -2.88 -20.97 -19.55
C VAL A 508 -3.44 -20.04 -18.50
N GLY A 509 -2.96 -20.17 -17.27
CA GLY A 509 -3.52 -19.37 -16.20
C GLY A 509 -2.61 -19.25 -15.00
N TYR A 510 -3.02 -18.35 -14.11
CA TYR A 510 -2.40 -18.12 -12.80
C TYR A 510 -3.52 -18.10 -11.79
N LYS A 511 -3.27 -18.71 -10.63
CA LYS A 511 -4.24 -18.80 -9.55
C LYS A 511 -3.86 -17.90 -8.38
N LEU A 512 -4.78 -17.03 -7.99
CA LEU A 512 -4.63 -16.13 -6.85
C LEU A 512 -5.10 -16.83 -5.59
N HIS A 513 -4.18 -16.94 -4.64
CA HIS A 513 -4.41 -17.53 -3.33
C HIS A 513 -4.42 -16.41 -2.32
N ALA A 514 -5.59 -16.17 -1.76
CA ALA A 514 -5.79 -15.15 -0.73
C ALA A 514 -5.63 -15.75 0.66
N HIS A 515 -5.40 -14.88 1.64
CA HIS A 515 -5.28 -15.30 3.02
C HIS A 515 -6.65 -15.40 3.74
N ASN A 516 -7.70 -14.83 3.13
CA ASN A 516 -9.06 -14.92 3.63
C ASN A 516 -9.20 -14.33 5.03
N GLN A 517 -8.45 -13.25 5.29
CA GLN A 517 -8.61 -12.46 6.51
C GLN A 517 -9.89 -11.63 6.44
N PRO A 518 -10.44 -11.20 7.57
CA PRO A 518 -11.65 -10.37 7.53
C PRO A 518 -11.49 -9.10 6.69
N THR A 519 -12.57 -8.72 6.03
CA THR A 519 -12.58 -7.47 5.26
C THR A 519 -13.13 -6.34 6.16
N LEU A 520 -13.49 -5.20 5.59
CA LEU A 520 -13.86 -4.03 6.41
C LEU A 520 -15.03 -4.37 7.34
N LEU A 521 -14.84 -4.08 8.62
CA LEU A 521 -15.83 -4.49 9.64
C LEU A 521 -16.90 -3.44 9.91
N ALA A 522 -16.62 -2.18 9.56
CA ALA A 522 -17.56 -1.07 9.81
C ALA A 522 -18.95 -1.36 9.26
N ASP A 523 -19.95 -0.79 9.92
CA ASP A 523 -21.31 -0.87 9.43
C ASP A 523 -21.38 -0.39 7.97
N PRO A 524 -22.14 -1.07 7.11
CA PRO A 524 -22.22 -0.66 5.70
C PRO A 524 -22.76 0.76 5.44
N GLY A 525 -23.44 1.35 6.43
CA GLY A 525 -23.93 2.72 6.34
C GLY A 525 -22.99 3.79 6.84
N SER A 526 -21.79 3.40 7.27
CA SER A 526 -20.80 4.36 7.75
C SER A 526 -20.13 5.13 6.62
N SER A 527 -19.53 6.26 6.99
CA SER A 527 -18.73 7.07 6.08
C SER A 527 -17.59 6.23 5.52
N ILE A 528 -16.89 5.50 6.39
CA ILE A 528 -15.76 4.70 5.89
C ILE A 528 -16.17 3.55 4.96
N ALA A 529 -17.33 2.93 5.17
CA ALA A 529 -17.77 1.89 4.23
C ALA A 529 -17.98 2.44 2.83
N ARG A 530 -18.39 3.71 2.73
CA ARG A 530 -18.52 4.38 1.44
C ARG A 530 -17.20 4.87 0.85
N ARG A 531 -16.37 5.49 1.67
CA ARG A 531 -15.07 6.00 1.19
C ARG A 531 -14.07 4.89 0.88
N ALA A 532 -14.18 3.78 1.61
CA ALA A 532 -13.34 2.61 1.38
C ALA A 532 -14.21 1.42 0.95
N ALA A 533 -15.11 1.64 0.01
CA ALA A 533 -16.00 0.59 -0.47
C ALA A 533 -15.23 -0.63 -0.96
N PHE A 534 -14.07 -0.40 -1.55
CA PHE A 534 -13.24 -1.49 -2.04
C PHE A 534 -12.94 -2.50 -0.95
N ALA A 535 -12.83 -2.01 0.29
CA ALA A 535 -12.37 -2.82 1.41
C ALA A 535 -13.46 -3.77 1.93
N THR A 536 -14.69 -3.63 1.44
CA THR A 536 -15.80 -4.48 1.86
C THR A 536 -15.90 -5.81 1.14
N LYS A 537 -15.10 -5.99 0.08
CA LYS A 537 -15.16 -7.20 -0.73
C LYS A 537 -13.73 -7.63 -1.06
N ASP A 538 -13.50 -8.92 -1.17
CA ASP A 538 -12.15 -9.45 -1.36
C ASP A 538 -11.57 -9.28 -2.76
N LEU A 539 -12.41 -9.29 -3.77
CA LEU A 539 -11.93 -9.29 -5.15
C LEU A 539 -12.87 -8.55 -6.07
N TRP A 540 -12.31 -7.66 -6.87
CA TRP A 540 -13.02 -6.93 -7.89
C TRP A 540 -12.30 -7.13 -9.21
N VAL A 541 -13.05 -7.19 -10.31
CA VAL A 541 -12.43 -7.23 -11.64
C VAL A 541 -13.04 -6.13 -12.49
N THR A 542 -12.19 -5.28 -13.03
CA THR A 542 -12.63 -4.26 -13.98
C THR A 542 -11.99 -4.44 -15.35
N ARG A 543 -12.65 -3.86 -16.33
CA ARG A 543 -12.07 -3.64 -17.64
C ARG A 543 -11.05 -2.49 -17.52
N TYR A 544 -9.86 -2.68 -18.09
CA TYR A 544 -8.81 -1.67 -18.00
C TYR A 544 -9.27 -0.35 -18.62
N ALA A 545 -8.95 0.74 -17.91
CA ALA A 545 -9.08 2.10 -18.43
C ALA A 545 -7.97 2.94 -17.86
N ASP A 546 -7.44 3.87 -18.66
CA ASP A 546 -6.26 4.63 -18.24
C ASP A 546 -6.50 5.50 -17.00
N ASP A 547 -7.74 5.95 -16.78
CA ASP A 547 -8.04 6.83 -15.66
C ASP A 547 -8.59 6.13 -14.41
N GLU A 548 -8.55 4.80 -14.38
CA GLU A 548 -9.04 4.03 -13.25
C GLU A 548 -7.82 3.45 -12.54
N ARG A 549 -7.19 4.31 -11.75
CA ARG A 549 -5.89 4.04 -11.15
C ARG A 549 -5.99 3.54 -9.70
N TYR A 550 -6.90 4.09 -8.92
CA TYR A 550 -6.98 3.81 -7.48
C TYR A 550 -8.40 3.37 -7.12
N PRO A 551 -8.54 2.43 -6.16
CA PRO A 551 -9.88 1.94 -5.83
C PRO A 551 -10.74 3.00 -5.14
N THR A 552 -10.09 4.08 -4.70
CA THR A 552 -10.68 5.22 -4.02
C THR A 552 -10.71 6.51 -4.86
N GLY A 553 -10.37 6.40 -6.14
CA GLY A 553 -10.26 7.58 -6.97
C GLY A 553 -9.00 8.40 -6.76
N ASP A 554 -8.89 9.48 -7.52
CA ASP A 554 -7.68 10.31 -7.51
C ASP A 554 -7.52 11.15 -6.28
N PHE A 555 -8.62 11.61 -5.70
CA PHE A 555 -8.57 12.54 -4.57
C PHE A 555 -9.38 11.96 -3.42
N VAL A 556 -8.67 11.42 -2.45
CA VAL A 556 -9.28 10.70 -1.35
C VAL A 556 -9.52 11.59 -0.14
N ASN A 557 -8.60 12.52 0.11
CA ASN A 557 -8.67 13.41 1.25
C ASN A 557 -9.99 14.18 1.30
N GLN A 558 -10.75 13.97 2.38
CA GLN A 558 -12.01 14.69 2.62
C GLN A 558 -12.98 14.51 1.46
N HIS A 559 -12.93 13.33 0.85
CA HIS A 559 -13.76 13.06 -0.30
C HIS A 559 -14.75 11.96 0.04
N SER A 560 -16.02 12.25 -0.21
CA SER A 560 -17.08 11.29 0.02
C SER A 560 -17.02 10.17 -1.00
N GLY A 561 -17.93 9.22 -0.88
CA GLY A 561 -18.16 8.28 -1.95
C GLY A 561 -18.60 9.00 -3.22
N GLY A 562 -18.51 8.29 -4.33
CA GLY A 562 -18.85 8.83 -5.65
C GLY A 562 -17.85 8.45 -6.72
N ALA A 563 -16.62 8.15 -6.31
CA ALA A 563 -15.54 7.79 -7.23
C ALA A 563 -15.05 6.38 -6.92
N GLY A 564 -13.97 5.95 -7.55
CA GLY A 564 -13.40 4.65 -7.26
C GLY A 564 -14.18 3.44 -7.78
N LEU A 565 -13.88 2.28 -7.22
CA LEU A 565 -14.35 1.01 -7.77
C LEU A 565 -15.86 0.88 -8.00
N PRO A 566 -16.70 1.29 -7.04
CA PRO A 566 -18.14 1.21 -7.27
C PRO A 566 -18.59 1.99 -8.50
N SER A 567 -17.95 3.13 -8.76
CA SER A 567 -18.29 3.89 -9.98
C SER A 567 -17.76 3.21 -11.25
N TYR A 568 -16.57 2.61 -11.16
CA TYR A 568 -16.00 1.94 -12.33
C TYR A 568 -16.84 0.75 -12.77
N ILE A 569 -17.27 -0.09 -11.84
CA ILE A 569 -17.99 -1.30 -12.22
C ILE A 569 -19.41 -1.07 -12.69
N ALA A 570 -19.99 0.09 -12.34
CA ALA A 570 -21.31 0.47 -12.87
C ALA A 570 -21.36 0.49 -14.41
N GLN A 571 -20.22 0.65 -15.05
CA GLN A 571 -20.14 0.62 -16.51
C GLN A 571 -20.47 -0.77 -17.10
N ASP A 572 -20.39 -1.81 -16.26
CA ASP A 572 -20.79 -3.17 -16.61
C ASP A 572 -20.16 -3.69 -17.89
N ARG A 573 -18.86 -3.46 -18.01
CA ARG A 573 -18.12 -3.76 -19.22
C ARG A 573 -17.79 -5.24 -19.32
N ASP A 574 -17.56 -5.69 -20.55
CA ASP A 574 -17.17 -7.06 -20.84
C ASP A 574 -15.76 -7.31 -20.30
N ILE A 575 -15.62 -8.36 -19.50
CA ILE A 575 -14.32 -8.77 -18.95
C ILE A 575 -13.99 -10.23 -19.29
N ASP A 576 -14.70 -10.79 -20.25
CA ASP A 576 -14.50 -12.18 -20.65
C ASP A 576 -13.63 -12.23 -21.90
N GLY A 577 -12.31 -12.30 -21.69
CA GLY A 577 -11.36 -12.27 -22.79
C GLY A 577 -11.11 -10.83 -23.22
N GLN A 578 -10.70 -10.01 -22.27
CA GLN A 578 -10.43 -8.60 -22.49
C GLN A 578 -9.26 -8.15 -21.60
N ASP A 579 -8.85 -6.90 -21.76
CA ASP A 579 -7.79 -6.30 -20.96
C ASP A 579 -8.39 -5.94 -19.61
N ILE A 580 -8.06 -6.72 -18.59
CA ILE A 580 -8.70 -6.61 -17.29
C ILE A 580 -7.72 -6.34 -16.16
N VAL A 581 -8.28 -5.90 -15.05
CA VAL A 581 -7.58 -5.51 -13.84
C VAL A 581 -8.26 -6.18 -12.65
N VAL A 582 -7.46 -6.87 -11.86
CA VAL A 582 -7.89 -7.49 -10.62
C VAL A 582 -7.50 -6.59 -9.45
N TRP A 583 -8.44 -6.36 -8.55
CA TRP A 583 -8.19 -5.57 -7.36
C TRP A 583 -8.47 -6.44 -6.15
N HIS A 584 -7.42 -6.82 -5.42
CA HIS A 584 -7.55 -7.74 -4.29
C HIS A 584 -7.40 -6.96 -2.98
N THR A 585 -8.45 -7.02 -2.17
CA THR A 585 -8.48 -6.46 -0.81
C THR A 585 -7.98 -7.51 0.17
N PHE A 586 -7.04 -7.11 1.02
CA PHE A 586 -6.51 -8.01 2.06
C PHE A 586 -6.01 -7.16 3.22
N GLY A 587 -6.23 -7.63 4.44
CA GLY A 587 -5.88 -6.81 5.59
C GLY A 587 -5.62 -7.56 6.86
N LEU A 588 -5.14 -6.80 7.84
CA LEU A 588 -4.89 -7.26 9.18
C LEU A 588 -5.92 -6.64 10.08
N THR A 589 -6.53 -7.43 10.93
CA THR A 589 -7.44 -6.92 11.95
C THR A 589 -6.67 -7.00 13.27
N HIS A 590 -6.45 -5.84 13.88
CA HIS A 590 -5.50 -5.70 14.98
C HIS A 590 -6.23 -5.37 16.28
N PHE A 591 -6.21 -6.33 17.21
CA PHE A 591 -6.59 -6.12 18.59
C PHE A 591 -5.28 -6.08 19.35
N PRO A 592 -4.74 -4.90 19.62
CA PRO A 592 -3.38 -4.86 20.17
C PRO A 592 -3.22 -5.64 21.46
N ARG A 593 -2.07 -6.28 21.53
CA ARG A 593 -1.67 -7.08 22.68
C ARG A 593 -0.60 -6.34 23.44
N VAL A 594 -0.42 -6.73 24.70
CA VAL A 594 0.63 -6.16 25.52
C VAL A 594 2.02 -6.34 24.85
N GLU A 595 2.20 -7.44 24.13
CA GLU A 595 3.46 -7.67 23.40
C GLU A 595 3.75 -6.66 22.29
N ASP A 596 2.74 -5.91 21.85
CA ASP A 596 2.90 -4.88 20.85
C ASP A 596 3.51 -3.59 21.39
N TRP A 597 3.61 -3.50 22.71
CA TRP A 597 4.05 -2.29 23.41
C TRP A 597 5.42 -2.54 24.06
N PRO A 598 6.37 -1.58 24.03
CA PRO A 598 6.24 -0.23 23.48
C PRO A 598 6.56 -0.01 22.00
N ILE A 599 7.06 -1.05 21.33
CA ILE A 599 7.25 -1.02 19.88
C ILE A 599 6.85 -2.40 19.40
N MET A 600 6.15 -2.45 18.28
CA MET A 600 5.46 -3.68 17.91
C MET A 600 6.33 -4.61 17.03
N PRO A 601 6.40 -5.89 17.38
CA PRO A 601 7.02 -6.88 16.50
C PRO A 601 6.24 -6.96 15.21
N VAL A 602 6.94 -7.20 14.11
CA VAL A 602 6.31 -7.27 12.79
C VAL A 602 5.21 -8.31 12.77
N ASP A 603 4.09 -7.94 12.15
CA ASP A 603 3.07 -8.88 11.72
C ASP A 603 2.87 -8.72 10.24
N THR A 604 2.33 -9.75 9.59
CA THR A 604 2.29 -9.79 8.14
C THR A 604 0.94 -10.14 7.57
N VAL A 605 0.73 -9.69 6.34
CA VAL A 605 -0.38 -10.14 5.52
C VAL A 605 0.02 -10.02 4.05
N GLY A 606 -0.69 -10.72 3.18
CA GLY A 606 -0.34 -10.71 1.79
C GLY A 606 -1.22 -11.62 0.97
N PHE A 607 -0.67 -12.02 -0.18
CA PHE A 607 -1.32 -12.91 -1.12
C PHE A 607 -0.26 -13.44 -2.10
N LYS A 608 -0.60 -14.46 -2.87
CA LYS A 608 0.28 -14.93 -3.93
C LYS A 608 -0.50 -15.42 -5.11
N LEU A 609 0.19 -15.53 -6.24
CA LEU A 609 -0.36 -16.11 -7.46
C LEU A 609 0.59 -17.20 -7.94
N ARG A 610 0.05 -18.36 -8.26
CA ARG A 610 0.86 -19.50 -8.67
C ARG A 610 0.44 -19.89 -10.08
N PRO A 611 1.38 -20.31 -10.92
CA PRO A 611 0.99 -20.77 -12.27
C PRO A 611 0.06 -21.96 -12.19
N GLU A 612 -0.89 -21.99 -13.11
CA GLU A 612 -1.94 -22.99 -13.13
C GLU A 612 -2.12 -23.42 -14.58
N GLY A 613 -1.36 -24.41 -15.01
CA GLY A 613 -1.32 -24.78 -16.42
C GLY A 613 -0.75 -23.70 -17.34
N PHE A 614 0.00 -22.75 -16.77
CA PHE A 614 0.72 -21.77 -17.58
C PHE A 614 1.86 -22.42 -18.36
N PHE A 615 2.60 -23.29 -17.69
CA PHE A 615 3.75 -23.96 -18.26
C PHE A 615 3.32 -25.35 -18.74
N ASP A 616 4.17 -25.98 -19.55
CA ASP A 616 3.87 -27.31 -20.10
C ASP A 616 4.35 -28.47 -19.22
N ARG A 617 5.08 -28.12 -18.17
CA ARG A 617 5.60 -29.03 -17.15
C ARG A 617 6.27 -28.12 -16.12
N SER A 618 6.82 -28.67 -15.05
CA SER A 618 7.56 -27.85 -14.10
C SER A 618 8.55 -26.93 -14.83
N PRO A 619 8.58 -25.65 -14.48
CA PRO A 619 9.54 -24.70 -15.06
C PRO A 619 10.93 -24.71 -14.40
N VAL A 620 11.18 -25.60 -13.44
CA VAL A 620 12.44 -25.63 -12.70
C VAL A 620 13.20 -26.95 -12.82
N LEU A 621 12.97 -27.67 -13.91
CA LEU A 621 13.75 -28.89 -14.21
C LEU A 621 15.19 -28.60 -14.58
N ASP A 622 15.47 -27.37 -15.00
CA ASP A 622 16.82 -27.00 -15.43
C ASP A 622 17.63 -26.31 -14.32
N VAL A 623 17.10 -26.31 -13.10
CA VAL A 623 17.85 -25.81 -11.95
C VAL A 623 18.88 -26.88 -11.61
N PRO A 624 20.15 -26.46 -11.44
CA PRO A 624 21.23 -27.41 -11.17
C PRO A 624 21.28 -27.84 -9.71
N ALA A 625 21.97 -28.94 -9.45
CA ALA A 625 22.21 -29.39 -8.08
C ALA A 625 23.14 -28.40 -7.40
N ASN A 626 23.02 -28.29 -6.08
CA ASN A 626 24.01 -27.63 -5.22
C ASN A 626 24.60 -26.36 -5.82
CU CU B . -2.24 -2.27 13.80
NA NA C . -4.91 -6.20 -18.12
CM2 11R D . -1.79 9.01 9.97
NNG 11R D . -1.32 9.07 11.35
CM1 11R D . -1.93 8.20 12.34
CNE 11R D . -0.32 10.00 11.72
CNF 11R D . 0.26 10.82 10.74
CNA 11R D . 1.27 11.72 11.09
CNB 11R D . 1.68 11.83 12.42
CNC 11R D . 1.09 11.03 13.39
CND 11R D . 0.09 10.11 13.05
OL5 11R D . 1.84 12.51 10.13
CX6 11R D . 2.53 11.89 9.03
CX5 11R D . 4.03 11.93 9.26
CX4 11R D . 4.79 11.30 8.11
CX3 11R D . 6.29 11.54 8.22
CX2 11R D . 7.00 10.42 8.96
CL6 11R D . 8.38 10.17 8.35
CL5 11R D . 9.46 10.15 9.43
CL4 11R D . 9.83 11.56 9.86
CL3 11R D . 11.10 11.56 10.72
CL2 11R D . 11.49 12.96 11.13
CL1 11R D . 12.41 13.65 10.12
CAL 11R D . 13.61 14.26 10.80
CAK 11R D . 14.67 13.41 11.40
CAJ 11R D . 14.71 12.01 11.42
CAB 11R D . 15.77 14.15 12.02
CAC 11R D . 16.86 13.42 12.64
CAH 11R D . 16.85 11.95 12.64
CAI 11R D . 15.77 11.30 12.03
CAG 11R D . 17.94 11.34 13.25
CAF 11R D . 18.94 12.13 13.83
CAE 11R D . 18.90 13.54 13.80
NAD 11R D . 17.87 14.17 13.21
NAA 11R D . 15.84 15.54 12.07
CAN 11R D . 14.87 16.28 11.51
CAM 11R D . 13.76 15.67 10.88
RU 11R D . 17.55 16.22 13.04
NCL 11R D . 19.28 16.88 13.97
CCK 11R D . 20.36 17.33 13.31
CCJ 11R D . 21.47 17.75 14.03
CCI 11R D . 21.48 17.70 15.43
CCG 11R D . 19.25 16.82 15.36
CCH 11R D . 20.35 17.23 16.11
CCF 11R D . 17.96 16.29 15.92
CCE 11R D . 17.71 16.13 17.36
CCD 11R D . 16.53 15.65 17.72
CCC 11R D . 15.59 15.31 16.65
CCB 11R D . 15.95 15.49 15.37
NCA 11R D . 17.09 15.96 15.05
NBL 11R D . 17.24 18.25 12.83
CBK 11R D . 16.80 19.03 13.81
CBJ 11R D . 16.60 20.40 13.57
CBI 11R D . 16.88 20.93 12.31
CBG 11R D . 17.52 18.75 11.55
CBH 11R D . 17.34 20.11 11.29
CBF 11R D . 18.00 17.71 10.58
CBE 11R D . 18.35 18.03 9.18
CBD 11R D . 18.77 17.03 8.42
CBC 11R D . 18.84 15.70 9.04
CBB 11R D . 18.49 15.55 10.33
NBA 11R D . 18.09 16.52 11.05
HM23 11R D . -2.51 8.24 9.85
HM22 11R D . -0.98 8.81 9.32
HM21 11R D . -2.24 9.94 9.71
HM13 11R D . -2.40 8.77 13.09
HM12 11R D . -2.64 7.57 11.89
HM11 11R D . -1.18 7.60 12.78
HNF 11R D . -0.03 10.75 9.71
HNB 11R D . 2.44 12.54 12.69
HNC 11R D . 1.41 11.12 14.41
HND 11R D . -0.34 9.50 13.83
HX61 11R D . 2.30 12.41 8.10
HX62 11R D . 2.23 10.84 8.92
HX51 11R D . 4.27 11.40 10.19
HX52 11R D . 4.34 12.97 9.40
HX41 11R D . 4.42 11.70 7.16
HX42 11R D . 4.58 10.22 8.08
HX31 11R D . 6.46 12.49 8.74
HX32 11R D . 6.69 11.65 7.21
HX21 11R D . 6.42 9.49 8.91
HX22 11R D . 7.10 10.69 10.01
HL61 11R D . 8.64 10.96 7.63
HL62 11R D . 8.40 9.22 7.83
HL51 11R D . 10.35 9.65 9.04
HL52 11R D . 9.11 9.58 10.30
HL41 11R D . 9.01 11.99 10.45
HL42 11R D . 9.98 12.20 8.99
HL31 11R D . 11.90 11.09 10.14
HL32 11R D . 10.93 10.94 11.60
HL21 11R D . 11.99 12.92 12.10
HL22 11R D . 10.59 13.57 11.25
HL11 11R D . 11.84 14.43 9.59
HL12 11R D . 12.75 12.94 9.36
HAJ 11R D . 13.90 11.44 10.96
HAI 11R D . 15.74 10.22 12.01
HAG 11R D . 18.00 10.26 13.30
HAF 11R D . 19.78 11.65 14.31
HAE 11R D . 19.69 14.12 14.25
HAN 11R D . 14.93 17.36 11.54
HAM 11R D . 13.00 16.30 10.44
HCK 11R D . 20.37 17.38 12.23
HCJ 11R D . 22.34 18.12 13.52
HCI 11R D . 22.34 18.03 15.99
HCH 11R D . 20.35 17.18 17.19
HCE 11R D . 18.45 16.40 18.10
HCD 11R D . 16.26 15.51 18.76
HCC 11R D . 14.61 14.92 16.89
HCB 11R D . 15.25 15.23 14.60
HBK 11R D . 16.58 18.62 14.79
HBJ 11R D . 16.25 21.04 14.36
HBI 11R D . 16.73 21.99 12.12
HBH 11R D . 17.55 20.53 10.31
HBE 11R D . 18.28 19.03 8.79
HBD 11R D . 19.04 17.18 7.39
HBC 11R D . 19.17 14.86 8.46
HBB 11R D . 18.54 14.56 10.76
S SO4 E . 16.46 -25.45 5.18
O1 SO4 E . 16.43 -26.74 5.86
O2 SO4 E . 15.91 -24.41 6.05
O3 SO4 E . 17.86 -25.09 4.85
O4 SO4 E . 15.64 -25.53 3.98
C1 GOL F . -14.82 6.13 -2.78
O1 GOL F . -13.87 5.10 -2.61
C2 GOL F . -14.13 7.38 -3.26
O2 GOL F . -15.09 8.34 -3.69
C3 GOL F . -13.28 7.99 -2.14
O3 GOL F . -12.48 9.04 -2.67
H11 GOL F . -15.33 6.32 -1.85
H12 GOL F . -15.56 5.81 -3.51
H2 GOL F . -13.47 7.13 -4.10
H31 GOL F . -12.64 7.22 -1.70
H32 GOL F . -13.93 8.38 -1.36
C1 GOL G . 1.56 12.76 32.41
O1 GOL G . 0.86 11.94 33.32
C2 GOL G . 2.71 11.98 31.78
O2 GOL G . 3.56 11.50 32.80
C3 GOL G . 3.48 12.88 30.82
O3 GOL G . 4.21 13.85 31.56
H11 GOL G . 1.95 13.63 32.94
H12 GOL G . 0.89 13.11 31.62
H2 GOL G . 2.30 11.14 31.22
H31 GOL G . 2.78 13.37 30.15
H32 GOL G . 4.17 12.27 30.23
C1 GOL H . -2.14 -11.86 12.01
O1 GOL H . -2.26 -11.34 13.31
C2 GOL H . -1.60 -13.28 12.06
O2 GOL H . -0.24 -13.27 12.44
C3 GOL H . -1.79 -13.93 10.69
O3 GOL H . -0.62 -14.62 10.30
H11 GOL H . -1.49 -11.23 11.40
H12 GOL H . -3.13 -11.86 11.54
H2 GOL H . -2.18 -13.84 12.79
H31 GOL H . -2.01 -13.16 9.94
H32 GOL H . -2.63 -14.62 10.73
C1 GOL I . -3.37 -11.89 -26.80
O1 GOL I . -3.49 -11.96 -25.39
C2 GOL I . -3.18 -10.45 -27.24
O2 GOL I . -4.21 -9.64 -26.73
C3 GOL I . -1.81 -9.93 -26.81
O3 GOL I . -1.95 -8.80 -25.97
H11 GOL I . -4.27 -12.30 -27.26
H12 GOL I . -2.52 -12.49 -27.12
H2 GOL I . -3.21 -10.42 -28.33
H31 GOL I . -1.23 -9.65 -27.69
H32 GOL I . -1.25 -10.71 -26.29
#